data_8G57
#
_entry.id   8G57
#
_cell.length_a   1.00
_cell.length_b   1.00
_cell.length_c   1.00
_cell.angle_alpha   90.00
_cell.angle_beta   90.00
_cell.angle_gamma   90.00
#
_symmetry.space_group_name_H-M   'P 1'
#
loop_
_entity.id
_entity.type
_entity.pdbx_description
1 polymer 'NAD-dependent protein deacylase sirtuin-6'
2 polymer 'Histone H3'
3 polymer 'Histone H4'
4 polymer 'Histone H2A type 1-B/E'
5 polymer 'Histone H2B type 1-J'
6 polymer 'DNA strand 1'
7 polymer 'DNA strand 2'
#
loop_
_entity_poly.entity_id
_entity_poly.type
_entity_poly.pdbx_seq_one_letter_code
_entity_poly.pdbx_strand_id
1 'polypeptide(L)'
;GSMSVNYAAGLSPYADKGKCGLPEIFDPPEELERKVWELARLVWQSSNVVFHTGAGISTASGIPDFRGPHGVWTMEERGL
APKFDTTFESARPTQTHMALVQLERVGLLRFLVSQNVDGLHVRSGFPRDKLAELHGNMFVEECAKCKTQYVRDTVVGTMG
LKATGRLCTVAKARGLRACRGELRDTILDWEDSLPDRDLALADEASRNADLSITLGTSLQIRPSGNLPLATKRRGGRLVI
VNLQPTKHDRHADLRIHGYVDEVMTRLMKHLGLEIPAWDGPRVLERALPPLPRPPTPKLEPKEESPTRINGSIPAGPKQE
PCAQHNGSEPASPKRERPTSPAPHRPPKRVKAKAVPSKLN
;
K
2 'polypeptide(L)'
;TKQTARKSTGGKAPRKQLATKAARKSAPATGGVKKPHRYRPGTVALREIRRYQKSTELLIRKLPFQRLVREIAQDFKTDL
RFQSSAVMALQEASEAYLVALFEDTNLCAIHAKRVTIMPKDIQLARRIRGER
;
A,E
3 'polypeptide(L)'
;HRKVLRDNIQGITKPAIRRLARRGGVKRISGLIYEETRGVLKVFLENVIRDAVTYTEHAKRKTVTAMDVVYALKRQGRTL
YGFGG
;
B,F
4 'polypeptide(L)'
;SGRGKQGGKARAKAKTRSSRAGLQFPVGRVHRLLRKGNYSERVGAGAPVYLAAVLEYLTAEILELAGNAARDNKKTRIIP
RHLQLAIRNDEELNKLLGRVTIAQGGVLPNIQAVLLPKKTESHHKAKGK
;
C,G
5 'polypeptide(L)'
;PEPAKSAPAPKKGSKKAVTKAQKKDGKKRKRSRKESYSIYVYKVLKQVHPDTGISSKAMGIMNSFVNDIFERIAGEASRL
AHYNKRSTITSREIQTAVRLLLPGELAKHAVSEGTKAVTKYTSAK
;
D,H
6 'polydeoxyribonucleotide'
;(DT)(DG)(DC)(DA)(DC)(DA)(DG)(DG)(DA)(DT)(DG)(DT)(DA)(DT)(DA)(DT)(DA)(DT)(DC)(DT)
(DG)(DA)(DC)(DA)(DC)(DG)(DT)(DG)(DC)(DC)(DT)(DG)(DG)(DA)(DG)(DA)(DC)(DT)(DA)(DG)
(DG)(DG)(DA)(DG)(DT)(DA)(DA)(DT)(DC)(DC)(DC)(DC)(DT)(DT)(DG)(DG)(DC)(DG)(DG)(DT)
(DT)(DA)(DA)(DA)(DA)(DC)(DG)(DC)(DG)(DG)(DG)(DG)(DG)(DA)(DC)(DA)(DG)(DC)(DG)(DC)
(DG)(DT)(DA)(DC)(DG)(DT)(DG)(DC)(DG)(DT)(DT)(DT)(DA)(DA)(DG)(DC)(DG)(DG)(DT)(DG)
(DC)(DT)(DA)(DG)(DA)(DG)(DC)(DT)(DG)(DT)(DC)(DT)(DA)(DC)(DG)(DA)(DC)(DC)(DA)(DA)
(DT)(DT)(DG)(DA)(DG)(DC)(DG)(DG)(DC)(DC)(DT)(DC)(DG)(DG)(DC)(DA)(DC)(DC)(DG)(DG)
(DG)(DA)(DT)(DT)(DC)(DT)(DC)(DG)(DA)(DT)
;
I
7 'polydeoxyribonucleotide'
;(DA)(DT)(DC)(DG)(DA)(DG)(DA)(DA)(DT)(DC)(DC)(DC)(DG)(DG)(DT)(DG)(DC)(DC)(DG)(DA)
(DG)(DG)(DC)(DC)(DG)(DC)(DT)(DC)(DA)(DA)(DT)(DT)(DG)(DG)(DT)(DC)(DG)(DT)(DA)(DG)
(DA)(DC)(DA)(DG)(DC)(DT)(DC)(DT)(DA)(DG)(DC)(DA)(DC)(DC)(DG)(DC)(DT)(DT)(DA)(DA)
(DA)(DC)(DG)(DC)(DA)(DC)(DG)(DT)(DA)(DC)(DG)(DC)(DG)(DC)(DT)(DG)(DT)(DC)(DC)(DC)
(DC)(DC)(DG)(DC)(DG)(DT)(DT)(DT)(DT)(DA)(DA)(DC)(DC)(DG)(DC)(DC)(DA)(DA)(DG)(DG)
(DG)(DG)(DA)(DT)(DT)(DA)(DC)(DT)(DC)(DC)(DC)(DT)(DA)(DG)(DT)(DC)(DT)(DC)(DC)(DA)
(DG)(DG)(DC)(DA)(DC)(DG)(DT)(DG)(DT)(DC)(DA)(DG)(DA)(DT)(DA)(DT)(DA)(DT)(DA)(DC)
(DA)(DT)(DC)(DC)(DT)(DG)(DT)(DG)(DC)(DA)
;
J
#
# COMPACT_ATOMS: atom_id res chain seq x y z
N ASP A 16 35.69 -12.29 -28.25
CA ASP A 16 35.97 -12.13 -29.68
C ASP A 16 37.34 -11.51 -29.89
N LYS A 17 38.28 -11.82 -28.99
CA LYS A 17 39.62 -11.28 -29.08
C LYS A 17 40.64 -12.25 -28.50
N GLY A 18 41.86 -11.77 -28.25
CA GLY A 18 42.93 -12.56 -27.65
C GLY A 18 43.27 -13.78 -28.50
N LYS A 19 43.00 -14.97 -27.98
CA LYS A 19 43.31 -16.21 -28.68
C LYS A 19 42.27 -17.25 -28.30
N CYS A 20 42.49 -18.50 -28.73
CA CYS A 20 41.55 -19.59 -28.45
C CYS A 20 42.37 -20.80 -27.98
N GLY A 21 42.59 -20.88 -26.67
CA GLY A 21 43.33 -21.99 -26.09
C GLY A 21 42.49 -23.24 -25.96
N LEU A 22 42.15 -23.84 -27.10
CA LEU A 22 41.29 -25.01 -27.10
C LEU A 22 41.92 -26.14 -27.90
N PRO A 23 42.16 -27.30 -27.28
CA PRO A 23 42.65 -28.46 -28.03
C PRO A 23 41.51 -29.28 -28.62
N GLU A 24 41.64 -29.65 -29.89
CA GLU A 24 40.64 -30.45 -30.59
C GLU A 24 41.30 -31.63 -31.28
N ILE A 25 40.66 -32.80 -31.18
CA ILE A 25 41.23 -34.03 -31.71
C ILE A 25 40.35 -34.54 -32.85
N PHE A 26 39.05 -34.25 -32.78
CA PHE A 26 38.08 -34.58 -33.82
C PHE A 26 37.90 -36.07 -34.02
N ASP A 27 38.58 -36.90 -33.20
CA ASP A 27 38.85 -38.35 -33.24
C ASP A 27 38.81 -38.96 -34.64
N PRO A 28 39.75 -39.88 -34.94
CA PRO A 28 39.97 -40.27 -36.32
C PRO A 28 38.73 -40.91 -36.92
N PRO A 29 38.48 -40.66 -38.22
CA PRO A 29 37.17 -41.03 -38.81
C PRO A 29 36.81 -42.50 -38.71
N GLU A 30 37.77 -43.42 -38.83
CA GLU A 30 37.43 -44.84 -38.82
C GLU A 30 36.80 -45.26 -37.50
N GLU A 31 37.22 -44.65 -36.40
CA GLU A 31 36.63 -44.94 -35.09
C GLU A 31 35.37 -44.14 -34.81
N LEU A 32 34.86 -43.37 -35.77
CA LEU A 32 33.50 -42.85 -35.63
C LEU A 32 32.48 -43.95 -35.89
N GLU A 33 32.64 -44.67 -37.01
CA GLU A 33 31.73 -45.75 -37.35
C GLU A 33 31.76 -46.86 -36.30
N ARG A 34 32.96 -47.20 -35.83
CA ARG A 34 33.12 -48.25 -34.83
C ARG A 34 32.24 -48.01 -33.61
N LYS A 35 32.40 -46.86 -32.97
CA LYS A 35 31.71 -46.58 -31.71
C LYS A 35 30.40 -45.82 -31.92
N VAL A 36 29.94 -45.67 -33.16
CA VAL A 36 28.53 -45.33 -33.36
C VAL A 36 27.77 -46.63 -33.52
N TRP A 37 28.40 -47.63 -34.15
CA TRP A 37 27.84 -48.98 -34.18
C TRP A 37 27.74 -49.53 -32.77
N GLU A 38 28.82 -49.42 -32.01
CA GLU A 38 28.85 -49.83 -30.61
C GLU A 38 27.87 -49.03 -29.75
N LEU A 39 27.60 -47.77 -30.10
CA LEU A 39 26.62 -47.00 -29.36
C LEU A 39 25.20 -47.46 -29.67
N ALA A 40 24.91 -47.72 -30.94
CA ALA A 40 23.62 -48.28 -31.33
C ALA A 40 23.40 -49.65 -30.70
N ARG A 41 24.47 -50.38 -30.39
CA ARG A 41 24.33 -51.55 -29.53
C ARG A 41 23.65 -51.18 -28.21
N LEU A 42 24.30 -50.31 -27.42
CA LEU A 42 23.76 -49.99 -26.09
C LEU A 42 22.40 -49.32 -26.16
N VAL A 43 22.07 -48.71 -27.30
CA VAL A 43 20.75 -48.11 -27.43
C VAL A 43 19.65 -49.15 -27.32
N TRP A 44 19.87 -50.36 -27.84
CA TRP A 44 18.82 -51.36 -27.92
C TRP A 44 18.37 -51.87 -26.55
N GLN A 45 19.28 -52.45 -25.78
CA GLN A 45 18.92 -53.09 -24.52
C GLN A 45 18.73 -52.10 -23.37
N SER A 46 18.62 -50.81 -23.65
CA SER A 46 18.35 -49.80 -22.63
C SER A 46 16.86 -49.52 -22.59
N SER A 47 16.25 -49.71 -21.41
CA SER A 47 14.81 -49.54 -21.25
C SER A 47 14.40 -48.16 -20.78
N ASN A 48 15.31 -47.40 -20.17
CA ASN A 48 15.00 -46.07 -19.65
C ASN A 48 16.21 -45.17 -19.90
N VAL A 49 16.18 -44.43 -21.01
CA VAL A 49 17.28 -43.58 -21.42
C VAL A 49 16.94 -42.14 -21.06
N VAL A 50 17.86 -41.47 -20.38
CA VAL A 50 17.71 -40.08 -19.99
C VAL A 50 18.82 -39.28 -20.67
N PHE A 51 18.43 -38.42 -21.61
CA PHE A 51 19.40 -37.62 -22.36
C PHE A 51 19.73 -36.34 -21.63
N HIS A 52 20.95 -35.86 -21.84
CA HIS A 52 21.41 -34.57 -21.36
C HIS A 52 21.90 -33.74 -22.55
N THR A 53 21.60 -32.45 -22.53
CA THR A 53 21.88 -31.59 -23.68
C THR A 53 22.62 -30.34 -23.20
N GLY A 54 23.48 -29.82 -24.07
CA GLY A 54 24.25 -28.63 -23.77
C GLY A 54 24.24 -27.63 -24.90
N ALA A 55 25.03 -26.55 -24.76
CA ALA A 55 25.05 -25.50 -25.76
C ALA A 55 25.53 -25.97 -27.13
N GLY A 56 26.44 -26.95 -27.17
CA GLY A 56 26.99 -27.42 -28.43
C GLY A 56 25.97 -27.98 -29.39
N ILE A 57 24.78 -28.33 -28.90
CA ILE A 57 23.74 -28.82 -29.77
C ILE A 57 23.26 -27.73 -30.73
N SER A 58 23.37 -26.47 -30.33
CA SER A 58 22.83 -25.36 -31.12
C SER A 58 23.89 -24.65 -31.94
N THR A 59 25.14 -25.11 -31.88
CA THR A 59 26.20 -24.48 -32.66
C THR A 59 25.92 -24.58 -34.16
N ALA A 60 25.21 -25.63 -34.58
CA ALA A 60 24.84 -25.75 -35.99
C ALA A 60 23.86 -24.67 -36.43
N SER A 61 23.11 -24.09 -35.50
CA SER A 61 22.16 -23.03 -35.83
C SER A 61 22.77 -21.64 -35.73
N GLY A 62 24.05 -21.53 -35.39
CA GLY A 62 24.70 -20.24 -35.26
C GLY A 62 24.08 -19.40 -34.16
N ILE A 63 24.21 -19.87 -32.91
CA ILE A 63 23.59 -19.23 -31.76
C ILE A 63 24.70 -18.85 -30.78
N PRO A 64 25.24 -17.64 -30.89
CA PRO A 64 26.26 -17.20 -29.93
C PRO A 64 25.64 -16.57 -28.69
N ASP A 65 26.49 -16.13 -27.76
CA ASP A 65 26.02 -15.49 -26.55
C ASP A 65 25.66 -14.02 -26.82
N VAL A 72 31.00 -18.02 -17.01
CA VAL A 72 30.91 -18.88 -18.19
C VAL A 72 32.14 -18.68 -19.07
N TRP A 73 32.61 -19.77 -19.68
CA TRP A 73 33.78 -19.69 -20.54
C TRP A 73 33.53 -18.84 -21.78
N THR A 74 32.34 -18.98 -22.38
CA THR A 74 32.03 -18.17 -23.56
C THR A 74 31.97 -16.68 -23.22
N MET A 75 31.35 -16.34 -22.10
CA MET A 75 31.31 -14.94 -21.68
C MET A 75 32.70 -14.40 -21.36
N GLU A 76 33.53 -15.22 -20.70
CA GLU A 76 34.89 -14.79 -20.39
C GLU A 76 35.71 -14.57 -21.65
N GLU A 77 35.55 -15.44 -22.65
CA GLU A 77 36.27 -15.26 -23.91
C GLU A 77 35.85 -13.99 -24.63
N ARG A 78 34.61 -13.55 -24.43
CA ARG A 78 34.13 -12.32 -25.05
C ARG A 78 34.23 -11.15 -24.09
N LYS A 83 23.48 -9.26 -26.65
CA LYS A 83 22.14 -9.81 -26.57
C LYS A 83 21.58 -10.10 -27.96
N PHE A 84 21.67 -11.36 -28.39
CA PHE A 84 21.19 -11.76 -29.71
C PHE A 84 19.74 -12.22 -29.67
N ASP A 85 18.85 -11.37 -29.15
CA ASP A 85 17.43 -11.69 -29.13
C ASP A 85 16.84 -11.68 -30.53
N THR A 86 17.34 -10.81 -31.41
CA THR A 86 16.89 -10.79 -32.80
C THR A 86 17.25 -12.07 -33.53
N THR A 87 18.36 -12.71 -33.17
CA THR A 87 18.66 -14.03 -33.71
C THR A 87 17.82 -15.11 -33.04
N PHE A 88 17.48 -14.92 -31.75
CA PHE A 88 16.65 -15.89 -31.05
C PHE A 88 15.25 -15.97 -31.64
N GLU A 89 14.66 -14.82 -32.00
CA GLU A 89 13.27 -14.82 -32.43
C GLU A 89 13.06 -15.56 -33.75
N SER A 90 14.12 -15.73 -34.55
CA SER A 90 14.01 -16.40 -35.83
C SER A 90 14.98 -17.58 -35.93
N ALA A 91 15.31 -18.18 -34.79
CA ALA A 91 16.23 -19.31 -34.80
C ALA A 91 15.55 -20.56 -35.35
N ARG A 92 16.37 -21.46 -35.89
CA ARG A 92 15.89 -22.71 -36.46
C ARG A 92 16.48 -23.89 -35.71
N PRO A 93 15.66 -24.82 -35.23
CA PRO A 93 16.20 -26.00 -34.53
C PRO A 93 17.07 -26.84 -35.45
N THR A 94 18.08 -27.47 -34.85
CA THR A 94 19.07 -28.21 -35.60
C THR A 94 18.54 -29.57 -36.02
N GLN A 95 19.39 -30.32 -36.72
CA GLN A 95 19.04 -31.66 -37.18
C GLN A 95 18.79 -32.59 -36.01
N THR A 96 19.67 -32.54 -35.00
CA THR A 96 19.53 -33.41 -33.84
C THR A 96 18.31 -33.02 -32.99
N HIS A 97 17.94 -31.74 -33.01
CA HIS A 97 16.71 -31.32 -32.34
C HIS A 97 15.51 -32.00 -32.96
N MET A 98 15.46 -32.07 -34.30
CA MET A 98 14.43 -32.83 -34.97
C MET A 98 14.56 -34.34 -34.72
N ALA A 99 15.77 -34.81 -34.44
CA ALA A 99 15.93 -36.22 -34.10
C ALA A 99 15.24 -36.55 -32.78
N LEU A 100 15.64 -35.89 -31.70
CA LEU A 100 15.12 -36.24 -30.37
C LEU A 100 13.60 -36.16 -30.28
N VAL A 101 12.96 -35.20 -30.94
CA VAL A 101 11.50 -35.15 -30.87
C VAL A 101 10.89 -36.40 -31.48
N GLN A 102 11.44 -36.91 -32.58
CA GLN A 102 10.94 -38.13 -33.17
C GLN A 102 11.27 -39.36 -32.34
N LEU A 103 12.46 -39.41 -31.75
CA LEU A 103 12.76 -40.47 -30.78
C LEU A 103 11.75 -40.48 -29.65
N GLU A 104 11.32 -39.31 -29.19
CA GLU A 104 10.24 -39.27 -28.20
C GLU A 104 8.94 -39.81 -28.79
N ARG A 105 8.64 -39.44 -30.04
CA ARG A 105 7.37 -39.85 -30.64
C ARG A 105 7.35 -41.32 -31.06
N VAL A 106 8.50 -42.01 -31.02
CA VAL A 106 8.55 -43.42 -31.37
C VAL A 106 8.88 -44.32 -30.20
N GLY A 107 9.17 -43.77 -29.03
CA GLY A 107 9.49 -44.57 -27.86
C GLY A 107 10.98 -44.68 -27.61
N LEU A 108 11.31 -45.48 -26.61
CA LEU A 108 12.69 -45.68 -26.17
C LEU A 108 13.34 -44.35 -25.78
N LEU A 109 12.57 -43.51 -25.10
CA LEU A 109 13.06 -42.23 -24.59
C LEU A 109 12.25 -41.89 -23.36
N ARG A 110 12.88 -41.95 -22.18
CA ARG A 110 12.17 -41.77 -20.93
C ARG A 110 12.10 -40.31 -20.50
N PHE A 111 13.21 -39.57 -20.61
CA PHE A 111 13.25 -38.20 -20.14
C PHE A 111 14.35 -37.46 -20.89
N LEU A 112 14.24 -36.13 -20.88
CA LEU A 112 15.24 -35.25 -21.49
C LEU A 112 15.55 -34.11 -20.55
N VAL A 113 16.83 -33.84 -20.34
CA VAL A 113 17.31 -32.77 -19.47
C VAL A 113 18.15 -31.83 -20.32
N SER A 114 17.72 -30.57 -20.43
CA SER A 114 18.44 -29.57 -21.19
C SER A 114 18.77 -28.39 -20.27
N GLN A 115 20.01 -27.93 -20.33
CA GLN A 115 20.46 -26.78 -19.55
C GLN A 115 20.66 -25.58 -20.44
N ASN A 116 20.01 -25.58 -21.60
CA ASN A 116 20.12 -24.49 -22.56
C ASN A 116 19.00 -23.47 -22.34
N VAL A 117 19.26 -22.24 -22.77
CA VAL A 117 18.31 -21.15 -22.64
C VAL A 117 17.79 -20.69 -23.99
N ASP A 118 18.14 -21.40 -25.07
CA ASP A 118 17.65 -21.05 -26.40
C ASP A 118 16.19 -21.36 -26.60
N GLY A 119 15.64 -22.35 -25.91
CA GLY A 119 14.24 -22.71 -26.05
C GLY A 119 13.90 -23.46 -27.31
N LEU A 120 14.89 -24.01 -28.02
CA LEU A 120 14.62 -24.74 -29.25
C LEU A 120 13.87 -26.04 -29.01
N HIS A 121 14.08 -26.69 -27.86
CA HIS A 121 13.43 -27.97 -27.60
C HIS A 121 11.91 -27.83 -27.57
N VAL A 122 11.40 -26.80 -26.87
CA VAL A 122 9.96 -26.59 -26.81
C VAL A 122 9.41 -26.23 -28.18
N ARG A 123 10.09 -25.33 -28.90
CA ARG A 123 9.66 -24.93 -30.22
C ARG A 123 9.75 -26.06 -31.24
N SER A 124 10.49 -27.12 -30.92
CA SER A 124 10.64 -28.25 -31.82
C SER A 124 9.47 -29.22 -31.74
N GLY A 125 8.49 -28.97 -30.88
CA GLY A 125 7.39 -29.88 -30.69
C GLY A 125 7.61 -30.94 -29.63
N PHE A 126 8.74 -30.91 -28.95
CA PHE A 126 9.03 -31.87 -27.89
C PHE A 126 8.12 -31.60 -26.69
N PRO A 127 7.46 -32.64 -26.16
CA PRO A 127 6.54 -32.43 -25.05
C PRO A 127 7.25 -31.85 -23.83
N ARG A 128 6.57 -30.93 -23.15
CA ARG A 128 7.18 -30.24 -22.01
C ARG A 128 7.22 -31.11 -20.76
N ASP A 129 6.34 -32.10 -20.63
CA ASP A 129 6.34 -32.96 -19.46
C ASP A 129 7.54 -33.88 -19.41
N LYS A 130 8.16 -34.16 -20.55
CA LYS A 130 9.38 -34.96 -20.61
C LYS A 130 10.65 -34.12 -20.58
N LEU A 131 10.51 -32.80 -20.56
CA LEU A 131 11.64 -31.88 -20.67
C LEU A 131 11.90 -31.22 -19.33
N ALA A 132 13.16 -31.23 -18.91
CA ALA A 132 13.60 -30.52 -17.71
C ALA A 132 14.55 -29.41 -18.14
N GLU A 133 14.09 -28.17 -18.04
CA GLU A 133 14.87 -26.99 -18.40
C GLU A 133 15.44 -26.41 -17.11
N LEU A 134 16.65 -26.85 -16.74
CA LEU A 134 17.22 -26.45 -15.46
C LEU A 134 17.59 -24.98 -15.42
N HIS A 135 18.18 -24.47 -16.49
CA HIS A 135 18.57 -23.06 -16.56
C HIS A 135 17.46 -22.17 -17.10
N GLY A 136 16.33 -22.75 -17.52
CA GLY A 136 15.19 -21.95 -17.95
C GLY A 136 15.05 -21.82 -19.45
N ASN A 137 14.19 -20.91 -19.89
CA ASN A 137 13.94 -20.71 -21.31
C ASN A 137 13.59 -19.24 -21.54
N MET A 138 14.08 -18.68 -22.64
CA MET A 138 13.84 -17.28 -22.97
C MET A 138 12.37 -17.05 -23.32
N PHE A 139 11.67 -18.11 -23.72
CA PHE A 139 10.32 -17.98 -24.28
C PHE A 139 9.23 -18.33 -23.26
N VAL A 140 9.56 -18.34 -21.97
CA VAL A 140 8.62 -18.79 -20.95
C VAL A 140 8.61 -17.79 -19.80
N GLU A 141 7.42 -17.40 -19.37
CA GLU A 141 7.22 -16.56 -18.19
C GLU A 141 6.58 -17.38 -17.07
N GLU A 142 6.80 -16.92 -15.84
CA GLU A 142 6.27 -17.58 -14.66
C GLU A 142 5.63 -16.55 -13.73
N CYS A 143 4.55 -16.94 -13.07
CA CYS A 143 3.89 -16.05 -12.13
C CYS A 143 4.63 -16.07 -10.80
N ALA A 144 4.54 -14.94 -10.09
CA ALA A 144 5.20 -14.77 -8.79
C ALA A 144 4.28 -15.05 -7.62
N LYS A 145 3.01 -15.37 -7.87
CA LYS A 145 2.06 -15.66 -6.80
C LYS A 145 1.41 -17.03 -6.93
N CYS A 146 1.33 -17.61 -8.12
CA CYS A 146 0.78 -18.93 -8.31
C CYS A 146 1.72 -19.89 -9.03
N LYS A 147 2.86 -19.42 -9.52
CA LYS A 147 3.90 -20.27 -10.12
C LYS A 147 3.37 -21.06 -11.32
N THR A 148 2.43 -20.46 -12.05
CA THR A 148 2.03 -21.02 -13.33
C THR A 148 2.96 -20.51 -14.44
N GLN A 149 3.00 -21.23 -15.55
CA GLN A 149 3.94 -20.95 -16.61
C GLN A 149 3.20 -20.66 -17.91
N TYR A 150 3.65 -19.62 -18.60
CA TYR A 150 3.11 -19.20 -19.88
C TYR A 150 4.19 -19.31 -20.94
N VAL A 151 3.85 -19.83 -22.10
CA VAL A 151 4.78 -20.00 -23.21
C VAL A 151 4.36 -19.04 -24.32
N ARG A 152 5.08 -17.92 -24.42
CA ARG A 152 4.81 -16.93 -25.45
C ARG A 152 5.54 -17.29 -26.73
N ASP A 153 5.19 -16.60 -27.82
CA ASP A 153 5.85 -16.78 -29.11
C ASP A 153 6.91 -15.71 -29.37
N THR A 154 6.77 -14.52 -28.80
CA THR A 154 7.78 -13.50 -28.92
C THR A 154 8.79 -13.62 -27.78
N VAL A 155 9.95 -13.00 -27.98
CA VAL A 155 11.05 -13.10 -27.02
C VAL A 155 10.73 -12.25 -25.81
N VAL A 156 10.81 -12.86 -24.62
CA VAL A 156 10.65 -12.11 -23.38
C VAL A 156 11.92 -11.33 -23.11
N GLY A 157 11.82 -10.01 -23.16
CA GLY A 157 13.00 -9.16 -23.06
C GLY A 157 13.38 -8.78 -21.64
N THR A 158 13.75 -9.76 -20.83
CA THR A 158 14.23 -9.49 -19.48
C THR A 158 15.04 -10.69 -19.01
N MET A 159 16.14 -10.40 -18.31
CA MET A 159 17.01 -11.43 -17.76
C MET A 159 17.22 -11.19 -16.28
N GLY A 160 17.22 -12.27 -15.50
CA GLY A 160 17.57 -12.18 -14.10
C GLY A 160 16.42 -12.31 -13.13
N LEU A 161 15.39 -13.07 -13.51
CA LEU A 161 14.22 -13.32 -12.67
C LEU A 161 13.60 -12.02 -12.18
N LYS A 162 13.42 -11.08 -13.12
CA LYS A 162 12.86 -9.77 -12.82
C LYS A 162 11.53 -9.60 -13.55
N ALA A 163 10.94 -8.42 -13.40
CA ALA A 163 9.62 -8.17 -13.95
C ALA A 163 9.65 -8.18 -15.48
N THR A 164 8.49 -8.49 -16.06
CA THR A 164 8.37 -8.60 -17.51
C THR A 164 7.52 -7.46 -18.07
N GLY A 165 6.47 -7.08 -17.33
CA GLY A 165 5.54 -6.06 -17.76
C GLY A 165 4.13 -6.60 -18.00
N ARG A 166 4.00 -7.90 -18.22
CA ARG A 166 2.71 -8.53 -18.35
C ARG A 166 2.19 -8.95 -16.97
N LEU A 167 0.98 -9.49 -16.94
CA LEU A 167 0.36 -9.90 -15.68
C LEU A 167 -0.32 -11.25 -15.87
N CYS A 168 -0.42 -12.02 -14.79
CA CYS A 168 -1.10 -13.30 -14.84
C CYS A 168 -2.59 -13.11 -15.08
N THR A 169 -3.18 -14.04 -15.82
CA THR A 169 -4.59 -13.97 -16.14
C THR A 169 -5.39 -15.18 -15.68
N VAL A 170 -4.87 -15.99 -14.75
CA VAL A 170 -5.62 -17.12 -14.24
C VAL A 170 -6.83 -16.60 -13.47
N ALA A 171 -8.01 -17.09 -13.83
CA ALA A 171 -9.25 -16.62 -13.25
C ALA A 171 -9.71 -17.56 -12.15
N LYS A 172 -9.99 -17.00 -10.97
CA LYS A 172 -10.53 -17.77 -9.86
C LYS A 172 -12.04 -17.91 -10.04
N ALA A 173 -12.64 -18.76 -9.20
CA ALA A 173 -14.07 -19.04 -9.31
C ALA A 173 -14.90 -18.11 -8.44
N ARG A 174 -16.21 -18.35 -8.42
CA ARG A 174 -17.17 -17.62 -7.59
C ARG A 174 -17.17 -16.14 -7.98
N GLY A 175 -16.69 -15.83 -9.17
CA GLY A 175 -16.72 -14.46 -9.65
C GLY A 175 -15.74 -13.53 -8.97
N LEU A 176 -14.68 -14.07 -8.38
CA LEU A 176 -13.67 -13.24 -7.73
C LEU A 176 -12.67 -12.74 -8.77
N ARG A 177 -11.68 -11.97 -8.31
CA ARG A 177 -10.71 -11.36 -9.22
C ARG A 177 -9.78 -12.40 -9.81
N ALA A 178 -8.86 -11.96 -10.67
CA ALA A 178 -7.89 -12.84 -11.29
C ALA A 178 -6.62 -12.83 -10.47
N CYS A 179 -5.65 -13.65 -10.87
CA CYS A 179 -4.37 -13.73 -10.18
C CYS A 179 -3.68 -12.38 -10.20
N ARG A 180 -3.54 -11.79 -11.39
CA ARG A 180 -2.91 -10.48 -11.57
C ARG A 180 -1.56 -10.41 -10.86
N GLY A 181 -0.72 -11.41 -11.06
CA GLY A 181 0.58 -11.42 -10.45
C GLY A 181 1.66 -10.95 -11.40
N GLU A 182 2.78 -10.46 -10.85
CA GLU A 182 3.85 -9.93 -11.68
C GLU A 182 4.56 -11.08 -12.38
N LEU A 183 4.38 -11.18 -13.69
CA LEU A 183 5.07 -12.19 -14.49
C LEU A 183 6.56 -11.89 -14.54
N ARG A 184 7.36 -12.95 -14.45
CA ARG A 184 8.81 -12.83 -14.45
C ARG A 184 9.36 -13.83 -15.45
N ASP A 185 10.64 -13.70 -15.77
CA ASP A 185 11.27 -14.56 -16.76
C ASP A 185 11.76 -15.84 -16.09
N THR A 186 12.31 -16.75 -16.90
CA THR A 186 12.88 -17.98 -16.40
C THR A 186 14.39 -18.07 -16.60
N ILE A 187 15.04 -17.00 -17.06
CA ILE A 187 16.48 -16.98 -17.23
C ILE A 187 17.12 -16.71 -15.88
N LEU A 188 17.99 -17.62 -15.43
CA LEU A 188 18.59 -17.52 -14.12
C LEU A 188 19.85 -16.65 -14.16
N ASP A 189 20.46 -16.48 -13.00
CA ASP A 189 21.74 -15.80 -12.83
C ASP A 189 22.58 -16.61 -11.86
N TRP A 190 23.89 -16.40 -11.91
CA TRP A 190 24.79 -17.14 -11.03
C TRP A 190 24.45 -16.89 -9.57
N GLU A 191 24.54 -17.94 -8.77
CA GLU A 191 24.29 -18.02 -7.33
C GLU A 191 22.80 -17.99 -7.00
N ASP A 192 21.91 -17.90 -7.98
CA ASP A 192 20.49 -17.94 -7.68
C ASP A 192 20.00 -19.38 -7.55
N SER A 193 18.82 -19.53 -6.96
CA SER A 193 18.24 -20.85 -6.70
C SER A 193 17.80 -21.49 -8.02
N LEU A 194 17.58 -22.81 -7.96
CA LEU A 194 17.22 -23.61 -9.12
C LEU A 194 15.78 -24.09 -8.99
N PRO A 195 15.07 -24.26 -10.13
CA PRO A 195 13.68 -24.74 -10.06
C PRO A 195 13.55 -26.08 -9.34
N ASP A 196 12.67 -26.03 -8.34
CA ASP A 196 12.44 -27.24 -7.54
C ASP A 196 11.77 -28.27 -8.41
N ARG A 197 10.64 -27.92 -9.03
CA ARG A 197 9.88 -28.89 -9.86
C ARG A 197 10.84 -29.59 -10.83
N ASP A 198 11.74 -28.83 -11.46
CA ASP A 198 12.68 -29.39 -12.45
C ASP A 198 13.81 -30.18 -11.79
N LEU A 199 14.46 -29.64 -10.78
CA LEU A 199 15.61 -30.38 -10.23
C LEU A 199 15.11 -31.71 -9.70
N ALA A 200 14.01 -31.68 -8.98
CA ALA A 200 13.58 -32.96 -8.36
C ALA A 200 13.29 -33.95 -9.49
N LEU A 201 12.61 -33.47 -10.51
CA LEU A 201 12.20 -34.39 -11.59
C LEU A 201 13.46 -34.99 -12.21
N ALA A 202 14.44 -34.17 -12.53
CA ALA A 202 15.64 -34.69 -13.23
C ALA A 202 16.34 -35.71 -12.33
N ASP A 203 16.40 -35.41 -11.04
CA ASP A 203 17.08 -36.33 -10.11
C ASP A 203 16.35 -37.67 -10.12
N GLU A 204 15.03 -37.68 -10.00
CA GLU A 204 14.32 -38.97 -9.92
C GLU A 204 14.59 -39.68 -11.23
N ALA A 205 14.66 -38.90 -12.28
CA ALA A 205 14.85 -39.49 -13.62
C ALA A 205 16.18 -40.21 -13.70
N SER A 206 17.27 -39.55 -13.27
CA SER A 206 18.62 -40.15 -13.31
C SER A 206 18.68 -41.38 -12.39
N ARG A 207 18.04 -41.29 -11.23
CA ARG A 207 18.00 -42.45 -10.29
C ARG A 207 17.26 -43.60 -10.99
N ASN A 208 16.27 -43.29 -11.81
CA ASN A 208 15.49 -44.34 -12.54
C ASN A 208 16.03 -44.45 -13.97
N ALA A 209 17.29 -44.09 -14.20
CA ALA A 209 17.90 -44.21 -15.55
C ALA A 209 18.52 -45.57 -15.91
N ASP A 210 18.41 -45.96 -17.18
CA ASP A 210 19.16 -47.14 -17.58
C ASP A 210 20.39 -46.78 -18.39
N LEU A 211 20.29 -45.77 -19.25
CA LEU A 211 21.41 -45.28 -20.04
C LEU A 211 21.27 -43.77 -20.14
N SER A 212 22.40 -43.07 -20.29
CA SER A 212 22.39 -41.63 -20.45
C SER A 212 23.38 -41.25 -21.55
N ILE A 213 22.96 -40.33 -22.41
CA ILE A 213 23.79 -39.89 -23.52
C ILE A 213 23.78 -38.37 -23.58
N THR A 214 24.84 -37.76 -23.04
CA THR A 214 24.94 -36.31 -23.08
C THR A 214 25.48 -35.86 -24.44
N LEU A 215 25.03 -34.68 -24.87
CA LEU A 215 25.32 -34.18 -26.21
C LEU A 215 25.76 -32.73 -26.13
N GLY A 216 27.00 -32.45 -26.54
CA GLY A 216 27.46 -31.08 -26.71
C GLY A 216 27.54 -30.22 -25.48
N THR A 217 28.11 -30.74 -24.38
CA THR A 217 28.32 -29.94 -23.20
C THR A 217 29.60 -30.39 -22.51
N SER A 218 30.19 -29.47 -21.74
CA SER A 218 31.50 -29.71 -21.14
C SER A 218 31.41 -30.44 -19.81
N LEU A 219 30.20 -30.70 -19.34
CA LEU A 219 29.95 -31.38 -18.08
C LEU A 219 30.60 -30.64 -16.92
N GLN A 220 30.66 -29.31 -17.04
CA GLN A 220 31.40 -28.48 -16.09
C GLN A 220 30.48 -27.75 -15.13
N ILE A 221 29.43 -27.10 -15.61
CA ILE A 221 28.56 -26.34 -14.73
C ILE A 221 27.67 -27.31 -13.95
N ARG A 222 27.71 -27.19 -12.63
CA ARG A 222 26.89 -28.03 -11.76
C ARG A 222 25.78 -27.16 -11.18
N PRO A 223 24.74 -27.73 -10.54
CA PRO A 223 24.52 -29.13 -10.17
C PRO A 223 24.07 -29.98 -11.36
N SER A 224 23.83 -29.38 -12.52
CA SER A 224 23.38 -30.14 -13.69
C SER A 224 24.42 -31.18 -14.10
N GLY A 225 25.70 -30.79 -14.09
CA GLY A 225 26.77 -31.66 -14.53
C GLY A 225 26.88 -32.95 -13.75
N ASN A 226 26.39 -32.97 -12.51
CA ASN A 226 26.49 -34.16 -11.69
C ASN A 226 25.33 -35.12 -11.93
N LEU A 227 24.33 -34.70 -12.70
CA LEU A 227 23.23 -35.60 -13.02
C LEU A 227 23.70 -36.84 -13.79
N PRO A 228 24.52 -36.71 -14.84
CA PRO A 228 24.96 -37.92 -15.55
C PRO A 228 25.68 -38.93 -14.68
N LEU A 229 26.57 -38.49 -13.79
CA LEU A 229 27.38 -39.44 -13.02
C LEU A 229 26.51 -40.27 -12.09
N ALA A 230 25.47 -39.67 -11.52
CA ALA A 230 24.59 -40.37 -10.60
C ALA A 230 23.85 -41.49 -11.33
N THR A 231 23.91 -41.48 -12.66
CA THR A 231 23.35 -42.56 -13.45
C THR A 231 24.08 -43.88 -13.15
N LYS A 232 25.41 -43.84 -13.07
CA LYS A 232 26.14 -45.10 -12.86
C LYS A 232 26.16 -45.47 -11.39
N ARG A 233 25.79 -44.54 -10.51
CA ARG A 233 25.86 -44.73 -9.07
C ARG A 233 25.03 -45.93 -8.65
N ARG A 234 23.88 -46.12 -9.30
CA ARG A 234 23.00 -47.24 -8.98
C ARG A 234 23.13 -48.34 -10.02
N GLY A 235 24.35 -48.56 -10.52
CA GLY A 235 24.59 -49.61 -11.49
C GLY A 235 24.13 -49.24 -12.89
N GLY A 236 24.68 -48.17 -13.45
CA GLY A 236 24.32 -47.75 -14.78
C GLY A 236 25.53 -47.45 -15.65
N ARG A 237 25.27 -47.04 -16.90
CA ARG A 237 26.31 -46.72 -17.86
C ARG A 237 26.33 -45.22 -18.11
N LEU A 238 27.25 -44.78 -18.96
CA LEU A 238 27.38 -43.36 -19.29
C LEU A 238 28.07 -43.17 -20.63
N VAL A 239 27.45 -42.41 -21.52
CA VAL A 239 28.01 -42.09 -22.83
C VAL A 239 28.11 -40.58 -22.94
N ILE A 240 29.29 -40.10 -23.32
CA ILE A 240 29.53 -38.66 -23.44
C ILE A 240 29.90 -38.35 -24.89
N VAL A 241 29.26 -37.33 -25.45
CA VAL A 241 29.52 -36.87 -26.81
C VAL A 241 29.87 -35.39 -26.70
N ASN A 242 31.12 -35.05 -27.04
CA ASN A 242 31.57 -33.67 -26.94
C ASN A 242 32.87 -33.51 -27.71
N LEU A 243 32.99 -32.41 -28.45
CA LEU A 243 34.24 -32.11 -29.12
C LEU A 243 35.34 -31.79 -28.11
N GLN A 244 35.01 -31.02 -27.10
CA GLN A 244 35.98 -30.62 -26.09
C GLN A 244 36.02 -31.65 -24.97
N PRO A 245 37.14 -31.74 -24.25
CA PRO A 245 37.22 -32.65 -23.11
C PRO A 245 36.30 -32.23 -21.98
N THR A 246 35.93 -33.17 -21.12
CA THR A 246 35.02 -32.90 -20.01
C THR A 246 35.72 -33.28 -18.71
N LYS A 247 35.30 -32.65 -17.61
CA LYS A 247 35.87 -33.02 -16.32
C LYS A 247 35.34 -34.36 -15.83
N HIS A 248 34.47 -34.99 -16.62
CA HIS A 248 33.95 -36.34 -16.26
C HIS A 248 34.17 -37.31 -17.42
N ASP A 249 35.26 -37.15 -18.16
CA ASP A 249 35.59 -38.13 -19.24
C ASP A 249 35.78 -39.51 -18.61
N ARG A 250 36.34 -39.56 -17.40
CA ARG A 250 36.56 -40.84 -16.69
C ARG A 250 35.21 -41.39 -16.20
N HIS A 251 35.20 -42.62 -15.69
CA HIS A 251 33.95 -43.24 -15.17
C HIS A 251 32.88 -43.19 -16.27
N ALA A 252 33.21 -43.67 -17.47
CA ALA A 252 32.24 -43.57 -18.59
C ALA A 252 31.76 -44.93 -19.07
N ASP A 253 31.78 -45.11 -20.39
CA ASP A 253 31.36 -46.39 -21.01
C ASP A 253 31.62 -46.17 -22.49
N LEU A 254 31.46 -44.92 -22.94
CA LEU A 254 31.82 -44.62 -24.32
C LEU A 254 32.04 -43.12 -24.44
N ARG A 255 33.18 -42.73 -25.00
CA ARG A 255 33.55 -41.31 -25.17
C ARG A 255 33.53 -41.00 -26.66
N ILE A 256 32.64 -40.10 -27.06
CA ILE A 256 32.54 -39.67 -28.45
C ILE A 256 33.19 -38.29 -28.57
N HIS A 257 34.00 -38.10 -29.60
CA HIS A 257 34.74 -36.86 -29.78
C HIS A 257 34.44 -36.17 -31.10
N GLY A 258 33.49 -36.68 -31.89
CA GLY A 258 33.18 -36.12 -33.19
C GLY A 258 32.03 -35.14 -33.14
N TYR A 259 31.76 -34.55 -34.32
CA TYR A 259 30.71 -33.55 -34.47
C TYR A 259 29.34 -34.18 -34.22
N VAL A 260 28.57 -33.58 -33.32
CA VAL A 260 27.25 -34.11 -33.00
C VAL A 260 26.31 -34.05 -34.20
N ASP A 261 26.56 -33.14 -35.15
CA ASP A 261 25.69 -33.01 -36.32
C ASP A 261 25.77 -34.24 -37.22
N GLU A 262 26.97 -34.80 -37.40
CA GLU A 262 27.16 -35.95 -38.28
C GLU A 262 27.13 -37.28 -37.56
N VAL A 263 27.50 -37.31 -36.28
CA VAL A 263 27.44 -38.57 -35.53
C VAL A 263 25.99 -39.06 -35.40
N MET A 264 25.06 -38.15 -35.14
CA MET A 264 23.65 -38.54 -35.05
C MET A 264 23.12 -39.09 -36.37
N THR A 265 23.71 -38.68 -37.50
CA THR A 265 23.27 -39.22 -38.78
C THR A 265 23.44 -40.73 -38.82
N ARG A 266 24.62 -41.22 -38.44
CA ARG A 266 24.86 -42.65 -38.39
C ARG A 266 24.29 -43.30 -37.14
N LEU A 267 23.95 -42.52 -36.11
CA LEU A 267 23.06 -43.02 -35.06
C LEU A 267 21.75 -43.49 -35.68
N MET A 268 21.04 -42.55 -36.29
CA MET A 268 19.70 -42.83 -36.83
C MET A 268 19.73 -43.75 -38.04
N LYS A 269 20.83 -43.78 -38.80
CA LYS A 269 20.88 -44.64 -39.98
C LYS A 269 20.84 -46.11 -39.63
N HIS A 270 21.41 -46.50 -38.48
CA HIS A 270 21.44 -47.88 -38.05
C HIS A 270 20.21 -48.25 -37.23
N LEU A 271 19.38 -47.27 -36.89
CA LEU A 271 18.13 -47.54 -36.18
C LEU A 271 16.97 -47.46 -37.16
N GLY A 272 16.84 -46.37 -37.87
CA GLY A 272 15.82 -46.22 -38.88
C GLY A 272 15.13 -44.87 -38.76
N LEU A 273 14.16 -44.67 -39.66
CA LEU A 273 13.36 -43.45 -39.75
C LEU A 273 14.22 -42.23 -40.04
N GLU A 274 13.58 -41.08 -40.24
CA GLU A 274 14.24 -39.81 -40.54
C GLU A 274 13.34 -38.69 -40.04
N ILE A 275 13.90 -37.48 -39.97
CA ILE A 275 13.21 -36.35 -39.34
C ILE A 275 11.91 -36.06 -40.09
N PRO A 276 10.78 -35.92 -39.41
CA PRO A 276 9.54 -35.59 -40.13
C PRO A 276 9.56 -34.21 -40.75
N ALA A 277 9.70 -33.17 -39.90
CA ALA A 277 9.66 -31.77 -40.32
C ALA A 277 9.82 -30.84 -39.13
N TRP A 278 10.26 -29.61 -39.36
CA TRP A 278 10.04 -28.56 -38.36
C TRP A 278 9.04 -27.56 -38.94
N ASP A 279 7.75 -27.80 -38.73
CA ASP A 279 6.71 -27.01 -39.38
C ASP A 279 6.40 -25.74 -38.57
N GLY A 280 7.45 -24.95 -38.35
CA GLY A 280 7.33 -23.71 -37.62
C GLY A 280 7.29 -23.91 -36.13
N PRO A 281 7.42 -22.82 -35.37
CA PRO A 281 7.32 -22.91 -33.91
C PRO A 281 6.00 -23.49 -33.45
N ARG A 282 6.05 -24.42 -32.50
CA ARG A 282 4.88 -25.08 -31.95
C ARG A 282 5.20 -25.45 -30.51
N VAL A 283 4.14 -25.72 -29.74
CA VAL A 283 4.27 -26.10 -28.34
C VAL A 283 3.42 -27.35 -28.09
N LEU A 284 4.00 -28.29 -27.34
CA LEU A 284 3.31 -29.54 -27.00
C LEU A 284 3.40 -29.74 -25.49
N GLU A 285 2.24 -29.86 -24.83
CA GLU A 285 2.24 -29.96 -23.37
C GLU A 285 2.49 -31.39 -22.92
N ARG A 286 1.61 -32.32 -23.29
CA ARG A 286 1.73 -33.71 -22.87
C ARG A 286 2.32 -34.53 -24.02
N ALA A 287 2.44 -35.84 -23.82
CA ALA A 287 3.00 -36.75 -24.81
C ALA A 287 1.89 -37.53 -25.49
N LEU A 288 2.13 -37.92 -26.74
CA LEU A 288 1.17 -38.69 -27.51
C LEU A 288 0.99 -40.07 -26.90
N PRO A 289 -0.20 -40.66 -27.00
CA PRO A 289 -0.43 -42.01 -26.46
C PRO A 289 0.52 -43.01 -27.09
N PRO A 290 0.99 -44.02 -26.32
CA PRO A 290 2.24 -44.73 -26.63
C PRO A 290 3.05 -44.32 -27.84
N LEU A 291 3.52 -45.30 -28.61
CA LEU A 291 4.52 -45.03 -29.65
C LEU A 291 4.02 -45.35 -31.05
N PRO A 292 3.91 -44.35 -31.92
CA PRO A 292 3.84 -44.64 -33.36
C PRO A 292 5.15 -45.20 -33.86
N ARG A 293 5.09 -45.89 -35.01
CA ARG A 293 6.26 -46.42 -35.71
C ARG A 293 6.92 -47.54 -34.90
N PRO A 294 7.85 -48.29 -35.48
CA PRO A 294 8.49 -49.39 -34.72
C PRO A 294 9.20 -48.88 -33.49
N PRO A 295 9.14 -49.63 -32.38
CA PRO A 295 9.78 -49.28 -31.10
C PRO A 295 11.29 -49.55 -31.10
N THR B 1 20.67 -32.19 -5.84
CA THR B 1 21.43 -31.55 -4.78
C THR B 1 20.55 -31.25 -3.57
N LYS B 2 20.78 -31.98 -2.47
CA LYS B 2 19.98 -31.81 -1.26
C LYS B 2 20.72 -30.89 -0.27
N GLN B 3 20.83 -29.63 -0.68
CA GLN B 3 21.45 -28.59 0.13
C GLN B 3 21.46 -27.25 -0.61
N THR B 4 22.65 -26.76 -0.93
CA THR B 4 22.83 -25.49 -1.62
C THR B 4 23.07 -25.76 -3.11
N ALA B 5 21.99 -26.06 -3.82
CA ALA B 5 22.11 -26.39 -5.23
C ALA B 5 22.66 -25.20 -6.01
N ARG B 6 21.85 -24.14 -6.15
CA ARG B 6 22.28 -22.86 -6.71
C ARG B 6 22.95 -23.01 -8.07
N LYS B 7 23.47 -21.92 -8.63
CA LYS B 7 24.10 -21.96 -9.94
C LYS B 7 25.57 -21.57 -9.83
N SER B 8 26.43 -22.39 -10.43
CA SER B 8 27.88 -22.23 -10.42
C SER B 8 28.55 -23.47 -10.98
N THR B 9 29.19 -24.24 -10.09
CA THR B 9 29.92 -25.49 -10.38
C THR B 9 30.82 -25.82 -9.21
N GLY B 10 31.36 -24.81 -8.54
CA GLY B 10 32.27 -25.02 -7.43
C GLY B 10 31.57 -25.08 -6.09
N LYS B 34 40.74 -16.94 12.41
CA LYS B 34 41.29 -17.75 13.49
C LYS B 34 40.18 -18.46 14.26
N LYS B 35 39.64 -17.79 15.28
CA LYS B 35 38.53 -18.34 16.05
C LYS B 35 37.23 -18.10 15.30
N PRO B 36 36.53 -19.17 14.88
CA PRO B 36 35.42 -19.06 13.91
C PRO B 36 35.29 -17.78 13.10
N HIS B 37 36.43 -17.15 12.77
CA HIS B 37 36.50 -16.00 11.87
C HIS B 37 35.81 -14.76 12.45
N ARG B 38 35.18 -14.90 13.61
CA ARG B 38 34.52 -13.81 14.32
C ARG B 38 33.33 -13.25 13.56
N TYR B 39 33.10 -13.73 12.34
CA TYR B 39 32.13 -13.15 11.40
C TYR B 39 32.43 -11.69 11.11
N ARG B 40 32.40 -11.33 9.82
CA ARG B 40 32.65 -9.93 9.47
C ARG B 40 31.51 -9.05 10.00
N PRO B 41 31.78 -7.77 10.25
CA PRO B 41 30.78 -6.91 10.90
C PRO B 41 29.60 -6.58 10.02
N GLY B 42 28.56 -7.42 10.05
CA GLY B 42 27.40 -7.19 9.21
C GLY B 42 26.78 -8.42 8.56
N THR B 43 27.18 -9.60 9.01
CA THR B 43 26.45 -10.82 8.66
C THR B 43 25.44 -11.23 9.70
N VAL B 44 25.81 -11.17 10.98
CA VAL B 44 24.85 -11.40 12.05
C VAL B 44 23.73 -10.38 11.99
N ALA B 45 24.01 -9.18 11.50
CA ALA B 45 22.97 -8.17 11.35
C ALA B 45 21.87 -8.64 10.41
N LEU B 46 22.25 -9.11 9.21
CA LEU B 46 21.24 -9.62 8.29
C LEU B 46 20.59 -10.91 8.76
N ARG B 47 21.34 -11.76 9.46
CA ARG B 47 20.72 -12.95 10.03
C ARG B 47 19.63 -12.58 11.02
N GLU B 48 19.91 -11.62 11.90
CA GLU B 48 18.90 -11.14 12.83
C GLU B 48 17.75 -10.46 12.11
N ILE B 49 18.03 -9.71 11.04
CA ILE B 49 16.97 -9.07 10.27
C ILE B 49 16.00 -10.11 9.74
N ARG B 50 16.52 -11.15 9.10
CA ARG B 50 15.65 -12.21 8.61
C ARG B 50 14.90 -12.91 9.73
N ARG B 51 15.58 -13.23 10.83
CA ARG B 51 14.95 -13.96 11.92
C ARG B 51 13.79 -13.16 12.51
N TYR B 52 13.99 -11.86 12.76
CA TYR B 52 12.93 -11.05 13.33
C TYR B 52 11.90 -10.60 12.31
N GLN B 53 12.20 -10.67 11.01
CA GLN B 53 11.21 -10.33 10.01
C GLN B 53 10.30 -11.50 9.67
N LYS B 54 10.74 -12.74 9.87
CA LYS B 54 9.83 -13.87 9.68
C LYS B 54 9.14 -14.32 10.95
N SER B 55 9.33 -13.61 12.06
CA SER B 55 8.70 -13.97 13.32
C SER B 55 7.43 -13.14 13.52
N THR B 56 6.72 -13.38 14.63
CA THR B 56 5.45 -12.71 14.88
C THR B 56 5.37 -12.19 16.30
N GLU B 57 6.15 -12.78 17.21
CA GLU B 57 6.03 -12.47 18.63
C GLU B 57 6.43 -11.04 18.93
N LEU B 58 6.06 -10.58 20.13
CA LEU B 58 6.43 -9.24 20.57
C LEU B 58 7.93 -9.17 20.85
N LEU B 59 8.45 -7.95 20.89
CA LEU B 59 9.88 -7.73 21.00
C LEU B 59 10.31 -7.00 22.26
N ILE B 60 9.39 -6.54 23.10
CA ILE B 60 9.72 -5.84 24.33
C ILE B 60 9.27 -6.68 25.52
N ARG B 61 10.03 -6.61 26.60
CA ARG B 61 9.67 -7.32 27.82
C ARG B 61 8.37 -6.75 28.37
N LYS B 62 7.55 -7.61 28.97
CA LYS B 62 6.16 -7.23 29.25
C LYS B 62 6.01 -6.46 30.56
N LEU B 63 6.63 -6.92 31.64
CA LEU B 63 6.54 -6.17 32.89
C LEU B 63 7.12 -4.76 32.81
N PRO B 64 8.30 -4.52 32.21
CA PRO B 64 8.75 -3.13 32.08
C PRO B 64 7.79 -2.26 31.28
N PHE B 65 7.19 -2.79 30.21
CA PHE B 65 6.21 -2.02 29.45
C PHE B 65 4.98 -1.72 30.29
N GLN B 66 4.51 -2.69 31.07
CA GLN B 66 3.35 -2.46 31.93
C GLN B 66 3.65 -1.37 32.96
N ARG B 67 4.85 -1.41 33.55
CA ARG B 67 5.21 -0.38 34.52
C ARG B 67 5.30 0.99 33.87
N LEU B 68 5.84 1.06 32.64
CA LEU B 68 5.87 2.34 31.92
C LEU B 68 4.46 2.85 31.66
N VAL B 69 3.56 1.97 31.24
CA VAL B 69 2.17 2.37 30.99
C VAL B 69 1.53 2.89 32.26
N ARG B 70 1.74 2.20 33.39
CA ARG B 70 1.15 2.65 34.64
C ARG B 70 1.70 4.00 35.07
N GLU B 71 3.02 4.20 34.91
CA GLU B 71 3.62 5.49 35.24
C GLU B 71 3.03 6.60 34.40
N ILE B 72 2.91 6.39 33.09
CA ILE B 72 2.34 7.43 32.24
C ILE B 72 0.88 7.67 32.60
N ALA B 73 0.13 6.62 32.91
CA ALA B 73 -1.30 6.76 33.17
C ALA B 73 -1.56 7.52 34.46
N GLN B 74 -0.76 7.29 35.50
CA GLN B 74 -1.02 7.91 36.80
C GLN B 74 -0.60 9.38 36.84
N ASP B 75 -0.30 9.98 35.69
CA ASP B 75 -0.16 11.43 35.59
C ASP B 75 -1.41 12.10 35.04
N PHE B 76 -2.46 11.34 34.75
CA PHE B 76 -3.71 11.89 34.27
C PHE B 76 -4.81 11.72 35.33
N LYS B 77 -5.02 10.47 35.75
CA LYS B 77 -5.94 10.17 36.85
C LYS B 77 -5.25 9.21 37.81
N THR B 78 -5.33 9.53 39.10
CA THR B 78 -4.60 8.75 40.11
C THR B 78 -5.33 7.45 40.42
N ASP B 79 -4.55 6.42 40.71
CA ASP B 79 -5.05 5.13 41.20
C ASP B 79 -6.03 4.53 40.19
N LEU B 80 -5.52 4.20 39.01
CA LEU B 80 -6.33 3.52 38.00
C LEU B 80 -6.06 2.02 38.03
N ARG B 81 -6.81 1.28 37.22
CA ARG B 81 -6.63 -0.14 37.03
C ARG B 81 -6.67 -0.46 35.55
N PHE B 82 -5.99 -1.53 35.16
CA PHE B 82 -5.86 -1.90 33.76
C PHE B 82 -6.25 -3.35 33.55
N GLN B 83 -7.04 -3.61 32.51
CA GLN B 83 -7.22 -4.97 32.04
C GLN B 83 -5.94 -5.46 31.36
N SER B 84 -5.74 -6.77 31.38
CA SER B 84 -4.59 -7.34 30.69
C SER B 84 -4.67 -7.08 29.18
N SER B 85 -5.86 -7.18 28.61
CA SER B 85 -6.04 -6.88 27.19
C SER B 85 -5.69 -5.43 26.87
N ALA B 86 -5.88 -4.51 27.81
CA ALA B 86 -5.55 -3.11 27.56
C ALA B 86 -4.04 -2.93 27.34
N VAL B 87 -3.23 -3.45 28.26
CA VAL B 87 -1.79 -3.33 28.11
C VAL B 87 -1.29 -4.15 26.92
N MET B 88 -1.91 -5.29 26.64
CA MET B 88 -1.51 -6.05 25.45
C MET B 88 -1.76 -5.24 24.18
N ALA B 89 -2.93 -4.59 24.07
CA ALA B 89 -3.23 -3.77 22.91
C ALA B 89 -2.28 -2.59 22.80
N LEU B 90 -1.98 -1.95 23.93
CA LEU B 90 -1.03 -0.85 23.92
C LEU B 90 0.34 -1.30 23.44
N GLN B 91 0.79 -2.48 23.90
CA GLN B 91 2.10 -2.98 23.47
C GLN B 91 2.11 -3.28 21.97
N GLU B 92 1.06 -3.92 21.46
CA GLU B 92 1.00 -4.20 20.03
C GLU B 92 1.02 -2.91 19.21
N ALA B 93 0.22 -1.92 19.60
CA ALA B 93 0.20 -0.66 18.86
C ALA B 93 1.55 0.03 18.91
N SER B 94 2.19 0.05 20.08
CA SER B 94 3.49 0.70 20.21
C SER B 94 4.54 0.02 19.35
N GLU B 95 4.57 -1.31 19.33
CA GLU B 95 5.56 -2.01 18.53
C GLU B 95 5.32 -1.78 17.04
N ALA B 96 4.07 -1.80 16.60
CA ALA B 96 3.80 -1.53 15.19
C ALA B 96 4.22 -0.11 14.80
N TYR B 97 3.91 0.87 15.65
CA TYR B 97 4.30 2.25 15.37
C TYR B 97 5.81 2.40 15.29
N LEU B 98 6.54 1.80 16.23
CA LEU B 98 7.99 1.89 16.22
C LEU B 98 8.59 1.18 15.01
N VAL B 99 8.04 0.04 14.61
CA VAL B 99 8.57 -0.66 13.45
C VAL B 99 8.37 0.18 12.18
N ALA B 100 7.18 0.76 12.00
CA ALA B 100 6.98 1.63 10.86
C ALA B 100 7.88 2.85 10.85
N LEU B 101 8.05 3.47 12.03
CA LEU B 101 8.94 4.62 12.12
C LEU B 101 10.37 4.24 11.79
N PHE B 102 10.82 3.07 12.23
CA PHE B 102 12.18 2.63 11.91
C PHE B 102 12.34 2.32 10.44
N GLU B 103 11.31 1.79 9.79
CA GLU B 103 11.39 1.58 8.35
C GLU B 103 11.55 2.91 7.61
N ASP B 104 10.76 3.92 8.00
CA ASP B 104 10.93 5.24 7.40
C ASP B 104 12.31 5.82 7.69
N THR B 105 12.82 5.61 8.90
CA THR B 105 14.15 6.08 9.26
C THR B 105 15.22 5.43 8.39
N ASN B 106 15.07 4.12 8.13
CA ASN B 106 16.01 3.44 7.26
C ASN B 106 15.97 3.99 5.85
N LEU B 107 14.77 4.27 5.34
CA LEU B 107 14.69 4.91 4.02
C LEU B 107 15.39 6.26 3.99
N CYS B 108 15.17 7.08 5.03
CA CYS B 108 15.82 8.38 5.10
C CYS B 108 17.34 8.25 5.17
N ALA B 109 17.84 7.29 5.96
CA ALA B 109 19.28 7.10 6.07
C ALA B 109 19.89 6.64 4.75
N ILE B 110 19.22 5.72 4.06
CA ILE B 110 19.73 5.28 2.76
C ILE B 110 19.72 6.43 1.76
N HIS B 111 18.72 7.31 1.84
CA HIS B 111 18.67 8.45 0.93
C HIS B 111 19.90 9.33 1.04
N ALA B 112 20.51 9.42 2.22
CA ALA B 112 21.67 10.26 2.45
C ALA B 112 22.99 9.54 2.20
N LYS B 113 22.94 8.40 1.50
CA LYS B 113 24.13 7.61 1.17
C LYS B 113 24.85 7.16 2.44
N ARG B 114 24.09 6.49 3.31
CA ARG B 114 24.62 5.94 4.55
C ARG B 114 23.96 4.59 4.81
N VAL B 115 24.49 3.86 5.77
CA VAL B 115 23.83 2.66 6.28
C VAL B 115 23.53 2.75 7.77
N THR B 116 24.13 3.68 8.51
CA THR B 116 23.83 3.89 9.91
C THR B 116 22.70 4.90 10.04
N ILE B 117 21.76 4.63 10.94
CA ILE B 117 20.62 5.52 11.16
C ILE B 117 20.99 6.50 12.27
N MET B 118 20.87 7.79 11.98
CA MET B 118 21.14 8.85 12.94
C MET B 118 19.83 9.38 13.49
N PRO B 119 19.88 10.07 14.64
CA PRO B 119 18.64 10.69 15.16
C PRO B 119 18.03 11.70 14.21
N LYS B 120 18.84 12.38 13.38
CA LYS B 120 18.30 13.30 12.40
C LYS B 120 17.41 12.59 11.38
N ASP B 121 17.68 11.33 11.07
CA ASP B 121 16.80 10.57 10.19
C ASP B 121 15.43 10.38 10.81
N ILE B 122 15.38 10.05 12.10
CA ILE B 122 14.10 9.94 12.81
C ILE B 122 13.38 11.27 12.82
N GLN B 123 14.12 12.36 13.07
CA GLN B 123 13.51 13.68 13.09
C GLN B 123 12.92 14.03 11.72
N LEU B 124 13.64 13.76 10.64
CA LEU B 124 13.13 14.03 9.31
C LEU B 124 11.89 13.19 9.00
N ALA B 125 11.94 11.90 9.36
CA ALA B 125 10.80 11.03 9.10
C ALA B 125 9.55 11.49 9.86
N ARG B 126 9.73 11.93 11.10
CA ARG B 126 8.59 12.45 11.86
C ARG B 126 8.14 13.81 11.38
N ARG B 127 9.04 14.62 10.82
CA ARG B 127 8.65 15.92 10.30
C ARG B 127 7.85 15.81 9.01
N ILE B 128 8.24 14.89 8.12
CA ILE B 128 7.54 14.76 6.86
C ILE B 128 6.14 14.18 7.07
N ARG B 129 6.01 13.23 8.01
CA ARG B 129 4.70 12.64 8.28
C ARG B 129 3.70 13.65 8.82
N GLY B 130 4.16 14.74 9.41
CA GLY B 130 3.27 15.72 9.99
C GLY B 130 3.03 15.48 11.46
N GLU B 131 4.11 15.18 12.19
CA GLU B 131 4.04 14.92 13.62
C GLU B 131 4.91 15.87 14.44
N ARG B 132 5.45 16.92 13.82
CA ARG B 132 6.30 17.86 14.52
C ARG B 132 6.32 19.21 13.81
N HIS C 1 0.34 -0.08 44.68
CA HIS C 1 -0.26 1.24 44.45
C HIS C 1 0.40 2.30 45.32
N ARG C 2 1.06 1.85 46.39
CA ARG C 2 1.74 2.80 47.29
C ARG C 2 2.92 3.47 46.60
N LYS C 3 3.73 2.72 45.86
CA LYS C 3 4.85 3.30 45.14
C LYS C 3 4.35 4.14 43.97
N VAL C 4 4.92 5.33 43.82
CA VAL C 4 4.44 6.27 42.81
C VAL C 4 5.29 6.19 41.54
N LEU C 5 6.56 6.56 41.63
CA LEU C 5 7.39 6.77 40.45
C LEU C 5 8.82 6.30 40.70
N ARG C 6 9.45 5.86 39.60
CA ARG C 6 10.90 5.80 39.50
C ARG C 6 11.26 6.01 38.03
N ASP C 7 12.49 5.71 37.64
CA ASP C 7 12.93 5.87 36.24
C ASP C 7 12.53 4.60 35.49
N ASN C 8 11.30 4.58 34.98
CA ASN C 8 10.78 3.43 34.25
C ASN C 8 11.06 3.48 32.76
N ILE C 9 11.46 4.65 32.23
CA ILE C 9 11.79 4.74 30.81
C ILE C 9 12.90 3.78 30.45
N GLN C 10 13.81 3.50 31.39
CA GLN C 10 14.91 2.58 31.17
C GLN C 10 14.46 1.14 31.03
N GLY C 11 13.19 0.84 31.31
CA GLY C 11 12.69 -0.51 31.07
C GLY C 11 12.71 -0.92 29.62
N ILE C 12 12.70 0.04 28.70
CA ILE C 12 12.85 -0.24 27.27
C ILE C 12 14.35 -0.26 27.01
N THR C 13 14.94 -1.44 27.16
CA THR C 13 16.40 -1.56 27.12
C THR C 13 16.92 -1.39 25.70
N LYS C 14 18.24 -1.24 25.60
CA LYS C 14 18.88 -1.15 24.28
C LYS C 14 18.61 -2.36 23.39
N PRO C 15 18.78 -3.61 23.84
CA PRO C 15 18.52 -4.74 22.94
C PRO C 15 17.10 -4.78 22.40
N ALA C 16 16.10 -4.34 23.16
CA ALA C 16 14.75 -4.27 22.63
C ALA C 16 14.65 -3.28 21.47
N ILE C 17 15.30 -2.13 21.60
CA ILE C 17 15.31 -1.15 20.52
C ILE C 17 16.02 -1.72 19.29
N ARG C 18 17.14 -2.41 19.49
CA ARG C 18 17.82 -3.02 18.35
C ARG C 18 16.98 -4.11 17.71
N ARG C 19 16.22 -4.87 18.50
CA ARG C 19 15.32 -5.87 17.91
C ARG C 19 14.23 -5.21 17.08
N LEU C 20 13.64 -4.12 17.59
CA LEU C 20 12.64 -3.40 16.81
C LEU C 20 13.22 -2.84 15.53
N ALA C 21 14.44 -2.29 15.58
CA ALA C 21 15.08 -1.81 14.37
C ALA C 21 15.39 -2.93 13.40
N ARG C 22 15.81 -4.09 13.90
CA ARG C 22 16.06 -5.23 13.02
C ARG C 22 14.80 -5.68 12.32
N ARG C 23 13.67 -5.74 13.03
CA ARG C 23 12.42 -6.04 12.36
C ARG C 23 12.04 -4.95 11.37
N GLY C 24 12.39 -3.70 11.65
CA GLY C 24 12.21 -2.63 10.68
C GLY C 24 13.07 -2.82 9.44
N GLY C 25 14.27 -3.37 9.60
CA GLY C 25 15.16 -3.59 8.48
C GLY C 25 16.40 -2.73 8.51
N VAL C 26 16.90 -2.44 9.71
CA VAL C 26 18.04 -1.56 9.91
C VAL C 26 19.29 -2.41 10.14
N LYS C 27 20.36 -2.07 9.43
CA LYS C 27 21.60 -2.86 9.50
C LYS C 27 22.56 -2.34 10.57
N ARG C 28 22.79 -1.02 10.61
CA ARG C 28 23.64 -0.40 11.62
C ARG C 28 22.87 0.67 12.36
N ILE C 29 23.08 0.76 13.68
CA ILE C 29 22.40 1.70 14.54
C ILE C 29 23.43 2.56 15.23
N SER C 30 23.19 3.87 15.27
CA SER C 30 24.09 4.80 15.93
C SER C 30 23.97 4.67 17.44
N GLY C 31 24.72 5.48 18.18
CA GLY C 31 24.69 5.41 19.63
C GLY C 31 23.68 6.35 20.25
N LEU C 32 23.26 7.37 19.50
CA LEU C 32 22.31 8.35 19.99
C LEU C 32 20.86 7.99 19.67
N ILE C 33 20.64 6.86 19.00
CA ILE C 33 19.29 6.46 18.64
C ILE C 33 18.49 6.07 19.86
N TYR C 34 19.13 5.39 20.81
CA TYR C 34 18.41 4.81 21.93
C TYR C 34 17.74 5.88 22.79
N GLU C 35 18.42 6.99 23.04
CA GLU C 35 17.82 8.07 23.80
C GLU C 35 16.78 8.85 23.00
N GLU C 36 16.75 8.68 21.68
CA GLU C 36 15.76 9.33 20.83
C GLU C 36 14.44 8.57 20.81
N THR C 37 14.48 7.30 20.40
CA THR C 37 13.26 6.50 20.28
C THR C 37 12.49 6.42 21.58
N ARG C 38 13.19 6.25 22.71
CA ARG C 38 12.51 6.31 24.00
C ARG C 38 11.70 7.60 24.12
N GLY C 39 12.36 8.74 23.87
CA GLY C 39 11.65 10.00 23.87
C GLY C 39 10.51 10.06 22.88
N VAL C 40 10.64 9.37 21.75
CA VAL C 40 9.52 9.25 20.83
C VAL C 40 8.40 8.42 21.46
N LEU C 41 8.75 7.25 22.00
CA LEU C 41 7.74 6.31 22.44
C LEU C 41 6.83 6.93 23.49
N LYS C 42 7.40 7.61 24.48
CA LYS C 42 6.59 8.28 25.50
C LYS C 42 5.58 9.22 24.86
N VAL C 43 6.02 10.05 23.92
CA VAL C 43 5.10 10.99 23.28
C VAL C 43 3.97 10.25 22.59
N PHE C 44 4.24 9.06 22.04
CA PHE C 44 3.17 8.26 21.49
C PHE C 44 2.22 7.79 22.60
N LEU C 45 2.78 7.20 23.66
CA LEU C 45 1.95 6.53 24.65
C LEU C 45 1.02 7.51 25.35
N GLU C 46 1.56 8.62 25.82
CA GLU C 46 0.72 9.60 26.50
C GLU C 46 -0.25 10.29 25.57
N ASN C 47 -0.09 10.14 24.25
CA ASN C 47 -1.11 10.65 23.33
C ASN C 47 -2.27 9.69 23.16
N VAL C 48 -2.10 8.43 23.53
CA VAL C 48 -3.16 7.44 23.42
C VAL C 48 -3.83 7.20 24.77
N ILE C 49 -3.02 6.97 25.82
CA ILE C 49 -3.55 6.73 27.15
C ILE C 49 -4.42 7.90 27.59
N ARG C 50 -3.97 9.12 27.35
CA ARG C 50 -4.75 10.30 27.71
C ARG C 50 -6.13 10.28 27.08
N ASP C 51 -6.25 9.74 25.86
CA ASP C 51 -7.57 9.57 25.28
C ASP C 51 -8.31 8.42 25.94
N ALA C 52 -7.65 7.28 26.15
CA ALA C 52 -8.32 6.12 26.72
C ALA C 52 -8.88 6.43 28.10
N VAL C 53 -8.08 7.09 28.94
CA VAL C 53 -8.57 7.52 30.24
C VAL C 53 -9.77 8.44 30.07
N THR C 54 -9.70 9.35 29.09
CA THR C 54 -10.83 10.22 28.81
C THR C 54 -12.10 9.42 28.51
N TYR C 55 -11.96 8.27 27.86
CA TYR C 55 -13.11 7.41 27.68
C TYR C 55 -13.50 6.73 28.98
N THR C 56 -12.51 6.22 29.73
CA THR C 56 -12.80 5.44 30.92
C THR C 56 -13.53 6.27 31.96
N GLU C 57 -13.11 7.51 32.16
CA GLU C 57 -13.76 8.37 33.13
C GLU C 57 -15.08 8.94 32.62
N HIS C 58 -15.39 8.78 31.33
CA HIS C 58 -16.70 9.21 30.85
C HIS C 58 -17.80 8.23 31.23
N ALA C 59 -17.47 6.94 31.33
CA ALA C 59 -18.41 5.91 31.71
C ALA C 59 -18.45 5.67 33.21
N LYS C 60 -17.91 6.61 34.00
CA LYS C 60 -17.88 6.51 35.46
C LYS C 60 -17.19 5.23 35.92
N ARG C 61 -16.17 4.79 35.19
CA ARG C 61 -15.42 3.59 35.50
C ARG C 61 -14.09 3.95 36.14
N LYS C 62 -13.44 2.93 36.71
CA LYS C 62 -12.11 3.06 37.29
C LYS C 62 -11.23 1.92 36.82
N THR C 63 -11.37 1.54 35.55
CA THR C 63 -10.59 0.45 34.97
C THR C 63 -10.50 0.67 33.48
N VAL C 64 -9.28 0.85 32.96
CA VAL C 64 -9.08 1.06 31.54
C VAL C 64 -9.25 -0.27 30.83
N THR C 65 -10.30 -0.38 30.02
CA THR C 65 -10.58 -1.62 29.31
C THR C 65 -9.93 -1.63 27.93
N ALA C 66 -9.95 -2.79 27.30
CA ALA C 66 -9.38 -2.92 25.96
C ALA C 66 -10.14 -2.09 24.94
N MET C 67 -11.47 -1.98 25.11
CA MET C 67 -12.27 -1.20 24.18
C MET C 67 -11.93 0.28 24.25
N ASP C 68 -11.60 0.80 25.44
CA ASP C 68 -11.17 2.18 25.54
C ASP C 68 -9.90 2.42 24.73
N VAL C 69 -8.94 1.50 24.81
CA VAL C 69 -7.71 1.62 24.05
C VAL C 69 -8.00 1.53 22.55
N VAL C 70 -8.87 0.60 22.15
CA VAL C 70 -9.18 0.45 20.74
C VAL C 70 -9.85 1.71 20.20
N TYR C 71 -10.79 2.27 20.96
CA TYR C 71 -11.47 3.50 20.55
C TYR C 71 -10.48 4.66 20.46
N ALA C 72 -9.59 4.78 21.45
CA ALA C 72 -8.60 5.85 21.43
C ALA C 72 -7.67 5.73 20.24
N LEU C 73 -7.24 4.51 19.92
CA LEU C 73 -6.40 4.31 18.75
C LEU C 73 -7.14 4.64 17.46
N LYS C 74 -8.41 4.25 17.36
CA LYS C 74 -9.19 4.55 16.17
C LYS C 74 -9.36 6.06 16.00
N ARG C 75 -9.56 6.77 17.11
CA ARG C 75 -9.66 8.23 17.05
C ARG C 75 -8.37 8.86 16.56
N GLN C 76 -7.22 8.24 16.81
CA GLN C 76 -5.93 8.76 16.35
C GLN C 76 -5.69 8.52 14.87
N GLY C 77 -6.64 7.90 14.17
CA GLY C 77 -6.43 7.54 12.78
C GLY C 77 -5.56 6.31 12.65
N ARG C 78 -5.67 5.39 13.62
CA ARG C 78 -4.84 4.20 13.63
C ARG C 78 -5.61 3.03 14.26
N THR C 79 -6.28 2.23 13.44
CA THR C 79 -7.14 1.19 13.98
C THR C 79 -6.30 -0.02 14.40
N LEU C 80 -6.98 -0.99 15.02
CA LEU C 80 -6.30 -2.17 15.56
C LEU C 80 -7.30 -3.31 15.59
N TYR C 81 -7.08 -4.32 14.75
CA TYR C 81 -7.94 -5.50 14.69
C TYR C 81 -7.40 -6.57 15.63
N GLY C 82 -8.29 -7.18 16.40
CA GLY C 82 -7.91 -8.31 17.22
C GLY C 82 -8.25 -8.20 18.70
N PHE C 83 -8.87 -7.09 19.08
CA PHE C 83 -9.25 -6.89 20.48
C PHE C 83 -10.69 -6.45 20.67
N GLY C 84 -11.32 -5.79 19.71
CA GLY C 84 -12.69 -5.34 19.85
C GLY C 84 -13.59 -5.80 18.71
N GLY C 85 -14.58 -6.61 19.05
CA GLY C 85 -15.49 -7.16 18.05
C GLY C 85 -15.23 -8.62 17.77
N ALA D 10 -51.46 37.45 28.82
CA ALA D 10 -51.42 36.22 28.03
C ALA D 10 -50.14 35.42 28.31
N ARG D 11 -49.03 35.89 27.76
CA ARG D 11 -47.75 35.21 27.95
C ARG D 11 -46.69 36.18 28.48
N ALA D 12 -45.45 35.72 28.56
CA ALA D 12 -44.35 36.51 29.09
C ALA D 12 -43.70 37.32 27.97
N LYS D 13 -42.57 37.96 28.30
CA LYS D 13 -41.86 38.82 27.35
C LYS D 13 -40.95 38.03 26.41
N ALA D 14 -40.84 36.71 26.58
CA ALA D 14 -40.21 35.83 25.61
C ALA D 14 -38.77 36.20 25.30
N LYS D 15 -37.89 36.11 26.29
CA LYS D 15 -36.47 36.23 26.00
C LYS D 15 -35.98 34.99 25.25
N THR D 16 -34.95 35.19 24.44
CA THR D 16 -34.32 34.08 23.72
C THR D 16 -33.40 33.32 24.67
N ARG D 17 -33.24 32.03 24.40
CA ARG D 17 -32.35 31.21 25.21
C ARG D 17 -30.91 31.66 25.12
N SER D 18 -30.49 32.20 23.97
CA SER D 18 -29.13 32.72 23.85
C SER D 18 -28.90 33.87 24.81
N SER D 19 -29.87 34.78 24.92
CA SER D 19 -29.75 35.86 25.89
C SER D 19 -29.82 35.34 27.32
N ARG D 20 -30.61 34.28 27.55
CA ARG D 20 -30.69 33.69 28.88
C ARG D 20 -29.34 33.11 29.30
N ALA D 21 -28.64 32.48 28.37
CA ALA D 21 -27.32 31.94 28.65
C ALA D 21 -26.21 32.97 28.60
N GLY D 22 -26.52 34.20 28.19
CA GLY D 22 -25.51 35.24 28.14
C GLY D 22 -24.45 35.04 27.08
N LEU D 23 -24.83 34.59 25.89
CA LEU D 23 -23.88 34.36 24.82
C LEU D 23 -24.52 34.77 23.49
N GLN D 24 -23.69 35.01 22.49
CA GLN D 24 -24.13 35.62 21.25
C GLN D 24 -24.59 34.62 20.19
N PHE D 25 -24.05 33.42 20.16
CA PHE D 25 -24.45 32.45 19.14
C PHE D 25 -25.88 31.96 19.38
N PRO D 26 -26.57 31.56 18.32
CA PRO D 26 -27.96 31.08 18.46
C PRO D 26 -28.00 29.66 19.00
N VAL D 27 -28.39 29.53 20.27
CA VAL D 27 -28.57 28.19 20.83
C VAL D 27 -29.77 27.48 20.24
N GLY D 28 -30.79 28.21 19.82
CA GLY D 28 -31.95 27.60 19.19
C GLY D 28 -31.64 26.98 17.86
N ARG D 29 -30.87 27.70 17.03
CA ARG D 29 -30.44 27.14 15.75
C ARG D 29 -29.54 25.93 15.95
N VAL D 30 -28.64 26.00 16.95
CA VAL D 30 -27.79 24.86 17.25
C VAL D 30 -28.63 23.66 17.68
N HIS D 31 -29.65 23.88 18.49
CA HIS D 31 -30.52 22.79 18.92
C HIS D 31 -31.29 22.21 17.73
N ARG D 32 -31.74 23.06 16.81
CA ARG D 32 -32.43 22.55 15.63
C ARG D 32 -31.50 21.69 14.77
N LEU D 33 -30.30 22.18 14.48
CA LEU D 33 -29.34 21.39 13.72
C LEU D 33 -28.89 20.14 14.45
N LEU D 34 -28.96 20.12 15.77
CA LEU D 34 -28.66 18.91 16.52
C LEU D 34 -29.80 17.88 16.41
N ARG D 35 -31.05 18.33 16.50
CA ARG D 35 -32.16 17.40 16.41
C ARG D 35 -32.31 16.85 14.99
N LYS D 36 -32.08 17.69 13.99
CA LYS D 36 -32.46 17.35 12.63
C LYS D 36 -31.20 17.08 11.82
N GLY D 37 -30.22 16.43 12.45
CA GLY D 37 -28.97 16.12 11.78
C GLY D 37 -28.54 14.68 11.95
N ASN D 38 -29.40 13.87 12.57
CA ASN D 38 -29.19 12.43 12.74
C ASN D 38 -27.87 12.16 13.48
N TYR D 39 -27.82 12.64 14.71
CA TYR D 39 -26.70 12.38 15.60
C TYR D 39 -27.08 11.41 16.72
N SER D 40 -28.26 11.60 17.31
CA SER D 40 -28.73 10.71 18.38
C SER D 40 -30.23 10.57 18.21
N GLU D 41 -30.93 10.02 19.20
CA GLU D 41 -32.37 9.83 19.11
C GLU D 41 -33.08 10.83 20.01
N ARG D 42 -32.35 11.35 21.00
CA ARG D 42 -32.81 12.45 21.83
C ARG D 42 -31.66 13.43 22.04
N VAL D 43 -32.01 14.68 22.34
CA VAL D 43 -31.03 15.74 22.57
C VAL D 43 -31.36 16.43 23.88
N GLY D 44 -30.35 16.58 24.73
CA GLY D 44 -30.55 17.21 26.03
C GLY D 44 -30.82 18.70 25.92
N ALA D 45 -31.10 19.29 27.07
CA ALA D 45 -31.45 20.71 27.14
C ALA D 45 -30.27 21.61 27.46
N GLY D 46 -29.07 21.06 27.60
CA GLY D 46 -27.90 21.87 27.88
C GLY D 46 -26.81 21.70 26.85
N ALA D 47 -26.95 20.69 26.00
CA ALA D 47 -26.00 20.42 24.94
C ALA D 47 -25.91 21.59 23.95
N PRO D 48 -27.04 22.13 23.46
CA PRO D 48 -26.93 23.31 22.58
C PRO D 48 -26.26 24.49 23.24
N VAL D 49 -26.52 24.74 24.52
CA VAL D 49 -25.89 25.86 25.21
C VAL D 49 -24.39 25.64 25.31
N TYR D 50 -23.97 24.44 25.69
CA TYR D 50 -22.55 24.14 25.82
C TYR D 50 -21.85 24.29 24.47
N LEU D 51 -22.46 23.76 23.41
CA LEU D 51 -21.83 23.79 22.10
C LEU D 51 -21.76 25.20 21.54
N ALA D 52 -22.81 26.00 21.75
CA ALA D 52 -22.76 27.40 21.35
C ALA D 52 -21.70 28.17 22.11
N ALA D 53 -21.55 27.92 23.41
CA ALA D 53 -20.51 28.61 24.17
C ALA D 53 -19.12 28.26 23.64
N VAL D 54 -18.84 26.98 23.38
CA VAL D 54 -17.52 26.65 22.87
C VAL D 54 -17.29 27.17 21.45
N LEU D 55 -18.32 27.16 20.60
CA LEU D 55 -18.18 27.72 19.26
C LEU D 55 -17.87 29.21 19.33
N GLU D 56 -18.57 29.94 20.20
CA GLU D 56 -18.28 31.36 20.36
C GLU D 56 -16.87 31.59 20.87
N TYR D 57 -16.40 30.75 21.81
CA TYR D 57 -15.04 30.91 22.31
C TYR D 57 -14.02 30.74 21.18
N LEU D 58 -14.15 29.68 20.39
CA LEU D 58 -13.21 29.47 19.29
C LEU D 58 -13.26 30.62 18.29
N THR D 59 -14.47 31.07 17.93
CA THR D 59 -14.59 32.18 16.99
C THR D 59 -13.93 33.44 17.53
N ALA D 60 -14.14 33.75 18.81
CA ALA D 60 -13.52 34.93 19.40
C ALA D 60 -12.01 34.83 19.41
N GLU D 61 -11.46 33.66 19.73
CA GLU D 61 -10.01 33.51 19.74
C GLU D 61 -9.42 33.75 18.35
N ILE D 62 -10.00 33.10 17.33
CA ILE D 62 -9.47 33.27 15.98
C ILE D 62 -9.62 34.70 15.51
N LEU D 63 -10.76 35.33 15.80
CA LEU D 63 -10.97 36.70 15.35
C LEU D 63 -10.03 37.68 16.04
N GLU D 64 -9.74 37.46 17.33
CA GLU D 64 -8.79 38.32 18.02
C GLU D 64 -7.39 38.21 17.40
N LEU D 65 -6.95 36.98 17.14
CA LEU D 65 -5.63 36.84 16.51
C LEU D 65 -5.60 37.45 15.12
N ALA D 66 -6.67 37.26 14.33
CA ALA D 66 -6.72 37.84 12.99
C ALA D 66 -6.72 39.36 13.03
N GLY D 67 -7.45 39.96 13.97
CA GLY D 67 -7.42 41.41 14.10
C GLY D 67 -6.06 41.93 14.52
N ASN D 68 -5.38 41.21 15.41
CA ASN D 68 -4.01 41.60 15.75
C ASN D 68 -3.11 41.57 14.53
N ALA D 69 -3.22 40.52 13.71
CA ALA D 69 -2.43 40.46 12.49
C ALA D 69 -2.78 41.59 11.54
N ALA D 70 -4.06 41.92 11.40
CA ALA D 70 -4.46 43.01 10.53
C ALA D 70 -3.88 44.34 10.99
N ARG D 71 -3.90 44.59 12.30
CA ARG D 71 -3.25 45.80 12.81
C ARG D 71 -1.74 45.78 12.55
N ASP D 72 -1.11 44.62 12.70
CA ASP D 72 0.31 44.51 12.37
C ASP D 72 0.58 44.77 10.89
N ASN D 73 -0.42 44.58 10.03
CA ASN D 73 -0.25 44.80 8.60
C ASN D 73 -0.77 46.17 8.16
N LYS D 74 -1.06 47.07 9.10
CA LYS D 74 -1.51 48.44 8.80
C LYS D 74 -2.80 48.43 7.97
N LYS D 75 -3.76 47.60 8.38
CA LYS D 75 -5.06 47.56 7.74
C LYS D 75 -6.14 47.41 8.79
N THR D 76 -7.35 47.83 8.44
CA THR D 76 -8.49 47.81 9.36
C THR D 76 -9.62 46.93 8.85
N ARG D 77 -9.31 45.99 7.97
CA ARG D 77 -10.31 45.04 7.49
C ARG D 77 -9.64 43.70 7.26
N ILE D 78 -10.23 42.65 7.82
CA ILE D 78 -9.61 41.32 7.81
C ILE D 78 -9.81 40.67 6.45
N ILE D 79 -8.77 40.01 5.97
CA ILE D 79 -8.80 39.27 4.71
C ILE D 79 -8.30 37.86 5.00
N PRO D 80 -8.53 36.91 4.09
CA PRO D 80 -8.08 35.53 4.34
C PRO D 80 -6.60 35.41 4.65
N ARG D 81 -5.77 36.31 4.14
CA ARG D 81 -4.34 36.29 4.47
C ARG D 81 -4.13 36.44 5.97
N HIS D 82 -4.86 37.36 6.59
CA HIS D 82 -4.76 37.57 8.03
C HIS D 82 -5.23 36.35 8.82
N LEU D 83 -6.31 35.71 8.39
CA LEU D 83 -6.77 34.49 9.05
C LEU D 83 -5.71 33.39 8.96
N GLN D 84 -5.10 33.23 7.79
CA GLN D 84 -4.05 32.24 7.63
C GLN D 84 -2.87 32.54 8.54
N LEU D 85 -2.45 33.80 8.59
CA LEU D 85 -1.35 34.18 9.48
C LEU D 85 -1.68 33.89 10.93
N ALA D 86 -2.90 34.23 11.36
CA ALA D 86 -3.30 34.03 12.74
C ALA D 86 -3.31 32.54 13.10
N ILE D 87 -3.86 31.71 12.21
CA ILE D 87 -3.96 30.28 12.52
C ILE D 87 -2.66 29.53 12.32
N ARG D 88 -1.70 30.11 11.59
CA ARG D 88 -0.42 29.45 11.40
C ARG D 88 0.67 29.93 12.36
N ASN D 89 0.51 31.11 12.96
CA ASN D 89 1.49 31.59 13.93
C ASN D 89 1.19 31.16 15.36
N ASP D 90 0.06 30.50 15.60
CA ASP D 90 -0.31 30.02 16.93
C ASP D 90 -0.24 28.50 16.93
N GLU D 91 0.41 27.94 17.96
CA GLU D 91 0.67 26.50 17.99
C GLU D 91 -0.56 25.68 18.35
N GLU D 92 -1.63 26.29 18.83
CA GLU D 92 -2.83 25.53 19.18
C GLU D 92 -3.76 25.39 17.99
N LEU D 93 -4.12 26.51 17.36
CA LEU D 93 -5.01 26.45 16.20
C LEU D 93 -4.34 25.77 15.01
N ASN D 94 -3.01 25.91 14.88
CA ASN D 94 -2.31 25.25 13.79
C ASN D 94 -2.40 23.73 13.90
N LYS D 95 -2.55 23.21 15.12
CA LYS D 95 -2.72 21.78 15.32
C LYS D 95 -4.17 21.36 15.34
N LEU D 96 -5.09 22.23 15.76
CA LEU D 96 -6.51 21.94 15.60
C LEU D 96 -6.89 21.94 14.12
N LEU D 97 -6.51 22.99 13.39
CA LEU D 97 -6.68 23.05 11.95
C LEU D 97 -5.41 22.60 11.22
N GLY D 98 -4.95 21.39 11.55
CA GLY D 98 -3.70 20.89 11.04
C GLY D 98 -3.65 20.80 9.53
N ARG D 99 -4.38 19.85 8.95
CA ARG D 99 -4.44 19.70 7.51
C ARG D 99 -5.73 20.32 6.99
N VAL D 100 -5.69 21.65 6.87
CA VAL D 100 -6.79 22.45 6.32
C VAL D 100 -6.18 23.55 5.47
N THR D 101 -6.66 23.71 4.25
CA THR D 101 -6.17 24.74 3.34
C THR D 101 -7.17 25.88 3.28
N ILE D 102 -6.67 27.10 3.53
CA ILE D 102 -7.49 28.30 3.49
C ILE D 102 -7.25 28.99 2.15
N ALA D 103 -8.34 29.25 1.41
CA ALA D 103 -8.21 29.83 0.08
C ALA D 103 -7.69 31.26 0.17
N GLN D 104 -6.81 31.61 -0.76
CA GLN D 104 -6.21 32.95 -0.83
C GLN D 104 -5.51 33.31 0.48
N GLY D 105 -4.81 32.34 1.06
CA GLY D 105 -4.15 32.56 2.33
C GLY D 105 -2.63 32.60 2.23
N GLY D 106 -2.08 31.98 1.20
CA GLY D 106 -0.64 31.97 1.06
C GLY D 106 0.02 31.05 2.08
N VAL D 107 1.30 31.33 2.34
CA VAL D 107 2.10 30.54 3.27
C VAL D 107 2.89 31.49 4.17
N LEU D 108 3.37 30.96 5.29
CA LEU D 108 4.22 31.73 6.18
C LEU D 108 5.56 32.00 5.49
N PRO D 109 6.06 33.24 5.57
CA PRO D 109 7.40 33.51 5.01
C PRO D 109 8.48 32.80 5.81
N ASN D 110 9.11 31.80 5.19
CA ASN D 110 10.10 30.98 5.88
C ASN D 110 11.14 30.52 4.86
N ILE D 111 12.40 30.82 5.12
CA ILE D 111 13.51 30.38 4.29
C ILE D 111 14.50 29.64 5.18
N GLN D 112 14.95 28.48 4.73
CA GLN D 112 15.91 27.68 5.50
C GLN D 112 17.22 28.45 5.65
N ALA D 113 17.86 28.27 6.80
CA ALA D 113 19.09 29.00 7.08
C ALA D 113 20.23 28.58 6.17
N VAL D 114 20.26 27.32 5.74
CA VAL D 114 21.32 26.83 4.86
C VAL D 114 21.28 27.48 3.49
N LEU D 115 20.10 27.89 3.02
CA LEU D 115 19.98 28.52 1.71
C LEU D 115 20.40 29.99 1.71
N LEU D 116 20.47 30.62 2.87
CA LEU D 116 20.90 32.01 2.94
C LEU D 116 22.37 32.13 2.55
N PRO D 117 22.76 33.23 1.90
CA PRO D 117 24.14 33.37 1.45
C PRO D 117 25.11 33.41 2.62
N LYS D 118 26.26 32.77 2.43
CA LYS D 118 27.31 32.73 3.44
C LYS D 118 28.29 33.86 3.21
N LYS D 119 29.43 33.82 3.91
CA LYS D 119 30.48 34.84 3.80
C LYS D 119 29.96 36.23 4.15
N THR D 120 29.02 36.30 5.10
CA THR D 120 28.46 37.58 5.52
C THR D 120 27.85 37.47 6.91
N LYS E 30 -39.16 34.28 -4.18
CA LYS E 30 -38.01 33.98 -5.03
C LYS E 30 -37.29 32.72 -4.54
N ARG E 31 -35.96 32.79 -4.49
CA ARG E 31 -35.17 31.66 -4.05
C ARG E 31 -35.35 31.41 -2.56
N SER E 32 -35.03 30.20 -2.13
CA SER E 32 -35.19 29.82 -0.73
C SER E 32 -34.12 30.51 0.12
N ARG E 33 -34.35 30.51 1.43
CA ARG E 33 -33.45 31.16 2.36
C ARG E 33 -32.18 30.32 2.58
N LYS E 34 -31.10 31.01 2.94
CA LYS E 34 -29.82 30.38 3.22
C LYS E 34 -29.40 30.70 4.64
N GLU E 35 -29.06 29.66 5.40
CA GLU E 35 -28.59 29.85 6.76
C GLU E 35 -27.10 30.12 6.78
N SER E 36 -26.70 31.10 7.58
CA SER E 36 -25.29 31.46 7.69
C SER E 36 -25.02 32.02 9.08
N TYR E 37 -23.75 31.98 9.47
CA TYR E 37 -23.31 32.47 10.77
C TYR E 37 -22.73 33.88 10.70
N SER E 38 -23.14 34.66 9.70
CA SER E 38 -22.48 35.95 9.43
C SER E 38 -22.74 36.95 10.55
N ILE E 39 -24.00 37.11 10.96
CA ILE E 39 -24.33 38.15 11.92
C ILE E 39 -23.68 37.87 13.27
N TYR E 40 -23.61 36.60 13.67
CA TYR E 40 -23.03 36.27 14.97
C TYR E 40 -21.52 36.42 14.97
N VAL E 41 -20.87 36.03 13.88
CA VAL E 41 -19.43 36.27 13.76
C VAL E 41 -19.14 37.76 13.77
N TYR E 42 -19.98 38.56 13.11
CA TYR E 42 -19.84 40.01 13.15
C TYR E 42 -19.99 40.56 14.56
N LYS E 43 -20.97 40.07 15.30
CA LYS E 43 -21.16 40.52 16.68
C LYS E 43 -19.95 40.18 17.54
N VAL E 44 -19.41 38.96 17.39
CA VAL E 44 -18.21 38.60 18.13
C VAL E 44 -17.02 39.47 17.75
N LEU E 45 -16.84 39.74 16.46
CA LEU E 45 -15.72 40.57 16.01
C LEU E 45 -15.82 41.97 16.61
N LYS E 46 -17.01 42.57 16.57
CA LYS E 46 -17.17 43.87 17.21
C LYS E 46 -17.05 43.79 18.72
N GLN E 47 -17.31 42.63 19.32
CA GLN E 47 -17.10 42.46 20.76
C GLN E 47 -15.62 42.50 21.09
N VAL E 48 -14.79 41.86 20.26
CA VAL E 48 -13.36 41.76 20.55
C VAL E 48 -12.55 42.92 19.94
N HIS E 49 -12.90 43.39 18.75
CA HIS E 49 -12.23 44.52 18.12
C HIS E 49 -13.28 45.53 17.71
N PRO E 50 -13.42 46.64 18.45
CA PRO E 50 -14.53 47.57 18.18
C PRO E 50 -14.46 48.27 16.83
N ASP E 51 -13.31 48.32 16.17
CA ASP E 51 -13.16 49.13 14.97
C ASP E 51 -12.86 48.36 13.69
N THR E 52 -12.19 47.21 13.78
CA THR E 52 -11.84 46.49 12.57
C THR E 52 -13.08 45.87 11.94
N GLY E 53 -13.03 45.73 10.62
CA GLY E 53 -14.12 45.11 9.88
C GLY E 53 -13.74 43.75 9.34
N ILE E 54 -14.46 43.28 8.33
CA ILE E 54 -14.19 41.97 7.75
C ILE E 54 -14.78 41.94 6.34
N SER E 55 -14.04 41.35 5.42
CA SER E 55 -14.51 41.22 4.04
C SER E 55 -15.47 40.06 3.91
N SER E 56 -15.97 39.85 2.69
CA SER E 56 -16.94 38.79 2.46
C SER E 56 -16.27 37.40 2.43
N LYS E 57 -15.11 37.29 1.79
CA LYS E 57 -14.43 36.00 1.72
C LYS E 57 -13.95 35.54 3.10
N ALA E 58 -13.45 36.45 3.93
CA ALA E 58 -13.10 36.08 5.29
C ALA E 58 -14.33 35.64 6.07
N MET E 59 -15.47 36.29 5.86
CA MET E 59 -16.69 35.87 6.52
C MET E 59 -17.11 34.47 6.09
N GLY E 60 -16.99 34.16 4.79
CA GLY E 60 -17.26 32.82 4.33
C GLY E 60 -16.32 31.79 4.92
N ILE E 61 -15.04 32.13 5.04
CA ILE E 61 -14.08 31.22 5.65
C ILE E 61 -14.43 30.96 7.11
N MET E 62 -14.82 32.01 7.84
CA MET E 62 -15.23 31.82 9.23
C MET E 62 -16.49 30.95 9.32
N ASN E 63 -17.44 31.14 8.40
CA ASN E 63 -18.63 30.31 8.38
C ASN E 63 -18.28 28.84 8.18
N SER E 64 -17.37 28.57 7.23
CA SER E 64 -16.93 27.20 7.01
C SER E 64 -16.21 26.63 8.23
N PHE E 65 -15.40 27.43 8.91
CA PHE E 65 -14.71 26.96 10.11
C PHE E 65 -15.71 26.60 11.20
N VAL E 66 -16.73 27.44 11.40
CA VAL E 66 -17.74 27.15 12.41
C VAL E 66 -18.48 25.86 12.08
N ASN E 67 -18.86 25.68 10.81
CA ASN E 67 -19.54 24.46 10.42
C ASN E 67 -18.67 23.22 10.63
N ASP E 68 -17.39 23.31 10.28
CA ASP E 68 -16.49 22.16 10.45
C ASP E 68 -16.33 21.79 11.92
N ILE E 69 -16.12 22.79 12.79
CA ILE E 69 -15.99 22.48 14.21
C ILE E 69 -17.29 21.91 14.77
N PHE E 70 -18.43 22.47 14.34
CA PHE E 70 -19.72 21.95 14.78
C PHE E 70 -19.88 20.47 14.43
N GLU E 71 -19.61 20.11 13.18
CA GLU E 71 -19.77 18.73 12.79
C GLU E 71 -18.77 17.80 13.47
N ARG E 72 -17.52 18.25 13.69
CA ARG E 72 -16.56 17.43 14.42
C ARG E 72 -17.06 17.12 15.82
N ILE E 73 -17.45 18.16 16.56
CA ILE E 73 -17.89 17.96 17.94
C ILE E 73 -19.15 17.11 18.00
N ALA E 74 -20.11 17.36 17.08
CA ALA E 74 -21.34 16.57 17.08
C ALA E 74 -21.08 15.11 16.78
N GLY E 75 -20.22 14.81 15.80
CA GLY E 75 -19.92 13.42 15.50
C GLY E 75 -19.22 12.72 16.66
N GLU E 76 -18.26 13.39 17.29
CA GLU E 76 -17.60 12.77 18.43
C GLU E 76 -18.56 12.53 19.57
N ALA E 77 -19.45 13.48 19.86
CA ALA E 77 -20.44 13.29 20.91
C ALA E 77 -21.40 12.15 20.59
N SER E 78 -21.84 12.04 19.33
CA SER E 78 -22.72 10.95 18.95
C SER E 78 -22.05 9.60 19.12
N ARG E 79 -20.79 9.48 18.71
CA ARG E 79 -20.06 8.23 18.92
C ARG E 79 -19.89 7.92 20.41
N LEU E 80 -19.61 8.94 21.22
CA LEU E 80 -19.52 8.73 22.66
C LEU E 80 -20.82 8.22 23.25
N ALA E 81 -21.95 8.79 22.82
CA ALA E 81 -23.24 8.31 23.29
C ALA E 81 -23.53 6.89 22.83
N HIS E 82 -23.15 6.56 21.60
CA HIS E 82 -23.39 5.22 21.08
C HIS E 82 -22.53 4.16 21.76
N TYR E 83 -21.32 4.52 22.21
CA TYR E 83 -20.45 3.54 22.85
C TYR E 83 -21.03 3.03 24.16
N ASN E 84 -21.79 3.85 24.87
CA ASN E 84 -22.29 3.52 26.19
C ASN E 84 -23.75 3.06 26.18
N LYS E 85 -24.27 2.66 25.02
CA LYS E 85 -25.66 2.23 24.87
C LYS E 85 -26.61 3.28 25.44
N ARG E 86 -26.42 4.51 24.98
CA ARG E 86 -27.16 5.66 25.49
C ARG E 86 -27.83 6.38 24.33
N SER E 87 -29.01 6.95 24.60
CA SER E 87 -29.83 7.54 23.56
C SER E 87 -29.83 9.06 23.54
N THR E 88 -29.15 9.71 24.47
CA THR E 88 -29.19 11.17 24.57
C THR E 88 -27.78 11.74 24.52
N ILE E 89 -27.67 12.91 23.92
CA ILE E 89 -26.44 13.71 23.94
C ILE E 89 -26.66 14.82 24.95
N THR E 90 -26.09 14.65 26.14
CA THR E 90 -26.21 15.65 27.20
C THR E 90 -25.00 16.56 27.17
N SER E 91 -24.87 17.44 28.16
CA SER E 91 -23.72 18.32 28.25
C SER E 91 -22.44 17.54 28.57
N ARG E 92 -22.55 16.41 29.27
CA ARG E 92 -21.38 15.61 29.57
C ARG E 92 -20.75 15.04 28.32
N GLU E 93 -21.56 14.57 27.37
CA GLU E 93 -21.02 14.09 26.10
C GLU E 93 -20.31 15.19 25.33
N ILE E 94 -20.89 16.39 25.30
CA ILE E 94 -20.25 17.50 24.61
C ILE E 94 -18.93 17.88 25.29
N GLN E 95 -18.91 17.89 26.62
CA GLN E 95 -17.68 18.21 27.33
C GLN E 95 -16.58 17.19 27.05
N THR E 96 -16.95 15.90 27.07
CA THR E 96 -15.95 14.88 26.76
C THR E 96 -15.48 14.98 25.31
N ALA E 97 -16.39 15.30 24.39
CA ALA E 97 -15.99 15.46 23.00
C ALA E 97 -15.02 16.63 22.83
N VAL E 98 -15.28 17.76 23.48
CA VAL E 98 -14.38 18.91 23.35
C VAL E 98 -13.07 18.71 24.09
N ARG E 99 -13.03 17.85 25.12
CA ARG E 99 -11.73 17.49 25.69
C ARG E 99 -11.02 16.42 24.90
N LEU E 100 -11.73 15.69 24.04
CA LEU E 100 -11.06 14.75 23.14
C LEU E 100 -10.50 15.45 21.91
N LEU E 101 -11.20 16.45 21.40
CA LEU E 101 -10.85 17.09 20.14
C LEU E 101 -9.88 18.26 20.31
N LEU E 102 -10.27 19.26 21.08
CA LEU E 102 -9.43 20.45 21.25
C LEU E 102 -8.20 20.12 22.09
N PRO E 103 -7.04 20.69 21.75
CA PRO E 103 -5.82 20.39 22.51
C PRO E 103 -5.55 21.35 23.66
N GLY E 104 -5.19 20.81 24.82
CA GLY E 104 -4.63 21.56 25.93
C GLY E 104 -5.37 22.80 26.38
N GLU E 105 -4.73 23.96 26.17
CA GLU E 105 -5.28 25.22 26.65
C GLU E 105 -6.64 25.52 26.04
N LEU E 106 -6.80 25.24 24.74
CA LEU E 106 -8.09 25.43 24.10
C LEU E 106 -9.14 24.55 24.74
N ALA E 107 -8.81 23.29 25.03
CA ALA E 107 -9.78 22.40 25.67
C ALA E 107 -10.18 22.92 27.05
N LYS E 108 -9.20 23.33 27.87
CA LYS E 108 -9.52 23.81 29.20
C LYS E 108 -10.36 25.08 29.17
N HIS E 109 -10.00 26.04 28.32
CA HIS E 109 -10.77 27.28 28.24
C HIS E 109 -12.17 27.06 27.68
N ALA E 110 -12.31 26.18 26.68
CA ALA E 110 -13.64 25.89 26.15
C ALA E 110 -14.51 25.21 27.18
N VAL E 111 -13.93 24.28 27.96
CA VAL E 111 -14.68 23.63 29.03
C VAL E 111 -15.12 24.66 30.06
N SER E 112 -14.23 25.57 30.44
CA SER E 112 -14.60 26.59 31.41
C SER E 112 -15.74 27.46 30.89
N GLU E 113 -15.64 27.91 29.64
CA GLU E 113 -16.68 28.75 29.06
C GLU E 113 -18.02 28.02 28.97
N GLY E 114 -18.01 26.76 28.55
CA GLY E 114 -19.23 25.99 28.45
C GLY E 114 -19.89 25.75 29.79
N THR E 115 -19.10 25.40 30.82
CA THR E 115 -19.68 25.23 32.15
C THR E 115 -20.24 26.54 32.68
N LYS E 116 -19.55 27.66 32.45
CA LYS E 116 -20.09 28.95 32.86
C LYS E 116 -21.41 29.24 32.19
N ALA E 117 -21.51 28.99 30.89
CA ALA E 117 -22.75 29.23 30.16
C ALA E 117 -23.87 28.34 30.66
N VAL E 118 -23.58 27.06 30.92
CA VAL E 118 -24.62 26.15 31.38
C VAL E 118 -25.11 26.54 32.78
N THR E 119 -24.18 26.93 33.66
CA THR E 119 -24.59 27.37 34.99
C THR E 119 -25.45 28.63 34.91
N LYS E 120 -25.06 29.59 34.07
CA LYS E 120 -25.87 30.79 33.88
C LYS E 120 -27.24 30.47 33.33
N TYR E 121 -27.32 29.54 32.37
CA TYR E 121 -28.60 29.18 31.78
C TYR E 121 -29.52 28.52 32.81
N THR E 122 -28.97 27.61 33.62
CA THR E 122 -29.80 26.90 34.58
C THR E 122 -30.23 27.81 35.73
N SER E 123 -29.34 28.66 36.23
CA SER E 123 -29.70 29.53 37.35
C SER E 123 -30.70 30.60 36.96
N ALA E 124 -30.54 31.20 35.78
CA ALA E 124 -31.42 32.29 35.37
C ALA E 124 -32.85 31.82 35.08
N LYS E 125 -32.99 30.65 34.46
CA LYS E 125 -34.32 30.14 34.12
C LYS E 125 -35.08 29.69 35.36
N LYS F 34 33.78 48.30 -19.90
CA LYS F 34 33.48 47.61 -18.65
C LYS F 34 32.43 46.52 -18.85
N LYS F 35 32.08 45.83 -17.77
CA LYS F 35 31.11 44.75 -17.89
C LYS F 35 29.74 45.22 -17.40
N PRO F 36 28.67 44.78 -18.04
CA PRO F 36 27.32 45.13 -17.58
C PRO F 36 27.03 44.53 -16.21
N HIS F 37 26.17 45.21 -15.46
CA HIS F 37 25.77 44.73 -14.15
C HIS F 37 25.08 43.38 -14.26
N ARG F 38 25.48 42.44 -13.40
CA ARG F 38 24.89 41.11 -13.41
C ARG F 38 24.92 40.55 -11.99
N TYR F 39 23.79 40.04 -11.54
CA TYR F 39 23.68 39.48 -10.21
C TYR F 39 24.28 38.07 -10.17
N ARG F 40 24.89 37.74 -9.04
CA ARG F 40 25.48 36.42 -8.87
C ARG F 40 24.38 35.36 -8.76
N PRO F 41 24.63 34.15 -9.27
CA PRO F 41 23.59 33.11 -9.25
C PRO F 41 23.17 32.73 -7.84
N GLY F 42 21.93 33.03 -7.48
CA GLY F 42 21.42 32.65 -6.19
C GLY F 42 20.67 33.75 -5.46
N THR F 43 20.94 35.01 -5.82
CA THR F 43 20.26 36.14 -5.17
C THR F 43 18.94 36.49 -5.81
N VAL F 44 18.82 36.37 -7.14
CA VAL F 44 17.55 36.58 -7.79
C VAL F 44 16.55 35.51 -7.36
N ALA F 45 17.03 34.28 -7.14
CA ALA F 45 16.17 33.22 -6.63
C ALA F 45 15.66 33.57 -5.23
N LEU F 46 16.52 34.13 -4.38
CA LEU F 46 16.07 34.53 -3.05
C LEU F 46 15.06 35.66 -3.13
N ARG F 47 15.25 36.61 -4.04
CA ARG F 47 14.26 37.66 -4.23
C ARG F 47 12.94 37.09 -4.72
N GLU F 48 12.99 36.11 -5.62
CA GLU F 48 11.77 35.45 -6.07
C GLU F 48 11.07 34.77 -4.92
N ILE F 49 11.82 34.09 -4.05
CA ILE F 49 11.24 33.41 -2.90
C ILE F 49 10.55 34.41 -1.98
N ARG F 50 11.23 35.52 -1.68
CA ARG F 50 10.65 36.53 -0.81
C ARG F 50 9.40 37.16 -1.42
N ARG F 51 9.42 37.42 -2.73
CA ARG F 51 8.25 38.04 -3.35
C ARG F 51 7.06 37.08 -3.40
N TYR F 52 7.30 35.81 -3.73
CA TYR F 52 6.18 34.87 -3.85
C TYR F 52 5.72 34.33 -2.51
N GLN F 53 6.50 34.49 -1.45
CA GLN F 53 6.03 34.02 -0.15
C GLN F 53 5.19 35.05 0.59
N LYS F 54 5.11 36.29 0.10
CA LYS F 54 4.24 37.30 0.70
C LYS F 54 3.03 37.64 -0.17
N SER F 55 2.87 36.96 -1.31
CA SER F 55 1.75 37.20 -2.20
C SER F 55 0.80 36.00 -2.16
N THR F 56 -0.45 36.23 -2.55
CA THR F 56 -1.50 35.24 -2.36
C THR F 56 -2.22 34.83 -3.64
N GLU F 57 -1.89 35.39 -4.80
CA GLU F 57 -2.63 35.03 -5.99
C GLU F 57 -2.22 33.65 -6.49
N LEU F 58 -3.05 33.09 -7.37
CA LEU F 58 -2.72 31.81 -7.97
C LEU F 58 -1.52 31.94 -8.90
N LEU F 59 -0.77 30.86 -9.03
CA LEU F 59 0.50 30.86 -9.75
C LEU F 59 0.38 30.27 -11.15
N ILE F 60 -0.48 29.28 -11.33
CA ILE F 60 -0.67 28.67 -12.65
C ILE F 60 -1.70 29.48 -13.43
N ARG F 61 -1.55 29.51 -14.74
CA ARG F 61 -2.49 30.20 -15.60
C ARG F 61 -3.86 29.53 -15.55
N LYS F 62 -4.90 30.30 -15.82
CA LYS F 62 -6.26 29.83 -15.63
C LYS F 62 -6.70 28.89 -16.75
N LEU F 63 -6.62 29.37 -18.00
CA LEU F 63 -7.12 28.58 -19.12
C LEU F 63 -6.40 27.24 -19.29
N PRO F 64 -5.06 27.15 -19.23
CA PRO F 64 -4.44 25.82 -19.33
C PRO F 64 -4.89 24.86 -18.25
N PHE F 65 -5.03 25.34 -17.01
CA PHE F 65 -5.51 24.46 -15.94
C PHE F 65 -6.94 24.03 -16.18
N GLN F 66 -7.80 24.93 -16.65
CA GLN F 66 -9.18 24.56 -16.95
C GLN F 66 -9.24 23.52 -18.06
N ARG F 67 -8.43 23.69 -19.11
CA ARG F 67 -8.40 22.70 -20.17
C ARG F 67 -7.89 21.36 -19.67
N LEU F 68 -6.88 21.36 -18.79
CA LEU F 68 -6.41 20.10 -18.22
C LEU F 68 -7.50 19.42 -17.40
N VAL F 69 -8.23 20.19 -16.60
CA VAL F 69 -9.31 19.62 -15.81
C VAL F 69 -10.37 19.00 -16.71
N ARG F 70 -10.76 19.71 -17.77
CA ARG F 70 -11.76 19.18 -18.68
C ARG F 70 -11.26 17.91 -19.37
N GLU F 71 -10.01 17.89 -19.82
CA GLU F 71 -9.46 16.71 -20.46
C GLU F 71 -9.44 15.52 -19.52
N ILE F 72 -9.03 15.73 -18.27
CA ILE F 72 -9.03 14.64 -17.30
C ILE F 72 -10.45 14.15 -17.05
N ALA F 73 -11.41 15.07 -16.92
CA ALA F 73 -12.78 14.69 -16.63
C ALA F 73 -13.47 14.00 -17.79
N GLN F 74 -13.02 14.19 -19.02
CA GLN F 74 -13.63 13.49 -20.15
C GLN F 74 -13.47 11.97 -20.08
N ASP F 75 -12.58 11.46 -19.23
CA ASP F 75 -12.35 10.02 -19.13
C ASP F 75 -13.24 9.35 -18.09
N PHE F 76 -14.15 10.10 -17.48
CA PHE F 76 -15.08 9.52 -16.50
C PHE F 76 -16.52 9.64 -16.93
N LYS F 77 -16.91 10.74 -17.56
CA LYS F 77 -18.27 10.91 -18.08
C LYS F 77 -18.24 11.97 -19.17
N THR F 78 -18.67 11.59 -20.37
CA THR F 78 -18.66 12.53 -21.48
C THR F 78 -19.75 13.58 -21.32
N ASP F 79 -19.53 14.72 -21.98
CA ASP F 79 -20.49 15.82 -22.04
C ASP F 79 -20.79 16.35 -20.63
N LEU F 80 -19.74 16.75 -19.93
CA LEU F 80 -19.87 17.33 -18.61
C LEU F 80 -19.79 18.85 -18.69
N ARG F 81 -20.24 19.50 -17.61
CA ARG F 81 -20.16 20.95 -17.48
C ARG F 81 -19.57 21.29 -16.12
N PHE F 82 -18.82 22.39 -16.08
CA PHE F 82 -18.10 22.80 -14.88
C PHE F 82 -18.50 24.22 -14.50
N GLN F 83 -18.85 24.41 -13.24
CA GLN F 83 -19.01 25.75 -12.71
C GLN F 83 -17.65 26.43 -12.59
N SER F 84 -17.65 27.76 -12.64
CA SER F 84 -16.40 28.50 -12.46
C SER F 84 -15.81 28.27 -11.07
N SER F 85 -16.66 28.25 -10.05
CA SER F 85 -16.19 27.99 -8.70
C SER F 85 -15.58 26.60 -8.56
N ALA F 86 -16.03 25.63 -9.34
CA ALA F 86 -15.46 24.29 -9.27
C ALA F 86 -14.00 24.27 -9.70
N VAL F 87 -13.70 24.85 -10.87
CA VAL F 87 -12.32 24.88 -11.31
C VAL F 87 -11.49 25.81 -10.43
N MET F 88 -12.08 26.88 -9.90
CA MET F 88 -11.36 27.72 -8.95
C MET F 88 -10.94 26.94 -7.72
N ALA F 89 -11.86 26.14 -7.16
CA ALA F 89 -11.55 25.32 -6.00
C ALA F 89 -10.49 24.27 -6.33
N LEU F 90 -10.60 23.63 -7.49
CA LEU F 90 -9.61 22.65 -7.89
C LEU F 90 -8.22 23.27 -7.98
N GLN F 91 -8.12 24.44 -8.60
CA GLN F 91 -6.83 25.12 -8.69
C GLN F 91 -6.31 25.52 -7.32
N GLU F 92 -7.18 26.04 -6.45
CA GLU F 92 -6.77 26.45 -5.12
C GLU F 92 -6.24 25.27 -4.31
N ALA F 93 -6.85 24.10 -4.43
CA ALA F 93 -6.35 22.92 -3.74
C ALA F 93 -5.05 22.39 -4.35
N SER F 94 -4.96 22.35 -5.68
CA SER F 94 -3.75 21.83 -6.32
C SER F 94 -2.54 22.67 -6.01
N GLU F 95 -2.70 23.99 -5.98
CA GLU F 95 -1.56 24.86 -5.69
C GLU F 95 -1.02 24.62 -4.29
N ALA F 96 -1.92 24.50 -3.30
CA ALA F 96 -1.50 24.22 -1.93
C ALA F 96 -0.84 22.85 -1.84
N TYR F 97 -1.40 21.84 -2.52
CA TYR F 97 -0.80 20.52 -2.51
C TYR F 97 0.63 20.55 -3.04
N LEU F 98 0.84 21.23 -4.17
CA LEU F 98 2.17 21.28 -4.75
C LEU F 98 3.13 22.09 -3.89
N VAL F 99 2.65 23.16 -3.25
CA VAL F 99 3.52 23.94 -2.37
C VAL F 99 3.98 23.11 -1.19
N ALA F 100 3.06 22.38 -0.55
CA ALA F 100 3.45 21.52 0.55
C ALA F 100 4.40 20.41 0.13
N LEU F 101 4.12 19.79 -1.02
CA LEU F 101 5.01 18.76 -1.53
C LEU F 101 6.40 19.32 -1.81
N PHE F 102 6.49 20.54 -2.35
CA PHE F 102 7.78 21.15 -2.59
C PHE F 102 8.51 21.52 -1.31
N GLU F 103 7.79 21.91 -0.26
CA GLU F 103 8.45 22.12 1.03
C GLU F 103 9.06 20.83 1.55
N ASP F 104 8.30 19.73 1.48
CA ASP F 104 8.86 18.44 1.89
C ASP F 104 10.04 18.03 1.01
N THR F 105 9.96 18.30 -0.29
CA THR F 105 11.06 18.00 -1.20
C THR F 105 12.30 18.80 -0.83
N ASN F 106 12.14 20.07 -0.50
CA ASN F 106 13.27 20.88 -0.08
C ASN F 106 13.89 20.35 1.20
N LEU F 107 13.07 19.93 2.16
CA LEU F 107 13.62 19.32 3.37
C LEU F 107 14.43 18.06 3.03
N CYS F 108 13.88 17.21 2.16
CA CYS F 108 14.59 16.00 1.78
C CYS F 108 15.91 16.30 1.08
N ALA F 109 15.92 17.31 0.20
CA ALA F 109 17.15 17.68 -0.49
C ALA F 109 18.19 18.23 0.47
N ILE F 110 17.77 19.08 1.41
CA ILE F 110 18.72 19.63 2.38
C ILE F 110 19.28 18.53 3.26
N HIS F 111 18.48 17.51 3.57
CA HIS F 111 18.97 16.39 4.37
C HIS F 111 20.16 15.70 3.73
N ALA F 112 20.23 15.70 2.40
CA ALA F 112 21.28 14.99 1.67
C ALA F 112 22.43 15.91 1.26
N LYS F 113 22.69 16.96 2.04
CA LYS F 113 23.82 17.87 1.88
C LYS F 113 23.78 18.66 0.57
N ARG F 114 22.62 18.75 -0.08
CA ARG F 114 22.47 19.44 -1.34
C ARG F 114 21.62 20.69 -1.16
N VAL F 115 21.42 21.42 -2.26
CA VAL F 115 20.53 22.58 -2.27
C VAL F 115 19.59 22.45 -3.46
N THR F 116 19.88 21.54 -4.38
CA THR F 116 19.01 21.27 -5.51
C THR F 116 18.02 20.18 -5.17
N ILE F 117 16.82 20.28 -5.72
CA ILE F 117 15.83 19.23 -5.60
C ILE F 117 15.83 18.41 -6.87
N MET F 118 15.83 17.09 -6.72
CA MET F 118 15.83 16.14 -7.83
C MET F 118 14.68 15.18 -7.66
N PRO F 119 14.30 14.47 -8.72
CA PRO F 119 13.12 13.59 -8.64
C PRO F 119 13.15 12.60 -7.49
N LYS F 120 14.32 12.12 -7.11
CA LYS F 120 14.42 11.21 -5.98
C LYS F 120 13.95 11.82 -4.67
N ASP F 121 14.12 13.14 -4.49
CA ASP F 121 13.59 13.79 -3.29
C ASP F 121 12.06 13.76 -3.27
N ILE F 122 11.43 14.04 -4.40
CA ILE F 122 9.98 13.96 -4.49
C ILE F 122 9.51 12.53 -4.21
N GLN F 123 10.21 11.56 -4.79
CA GLN F 123 9.86 10.17 -4.55
C GLN F 123 9.98 9.79 -3.09
N LEU F 124 11.06 10.21 -2.42
CA LEU F 124 11.20 9.90 -0.99
C LEU F 124 10.11 10.58 -0.17
N ALA F 125 9.80 11.83 -0.47
CA ALA F 125 8.77 12.53 0.27
C ALA F 125 7.42 11.83 0.13
N ARG F 126 7.09 11.38 -1.08
CA ARG F 126 5.84 10.67 -1.27
C ARG F 126 5.86 9.25 -0.71
N ARG F 127 7.02 8.61 -0.64
CA ARG F 127 7.12 7.35 0.09
C ARG F 127 6.74 7.55 1.56
N ILE F 128 7.35 8.56 2.18
CA ILE F 128 7.15 8.76 3.61
C ILE F 128 5.72 9.23 3.89
N ARG F 129 5.19 10.11 3.06
CA ARG F 129 3.84 10.63 3.31
C ARG F 129 2.80 9.52 3.25
N GLY F 130 2.87 8.67 2.23
CA GLY F 130 1.94 7.56 2.13
C GLY F 130 1.46 7.26 0.73
N GLU F 131 1.62 8.21 -0.20
CA GLU F 131 1.20 7.97 -1.57
C GLU F 131 2.01 6.86 -2.22
N ARG F 132 3.31 6.79 -1.93
CA ARG F 132 4.20 5.75 -2.45
C ARG F 132 4.22 5.74 -3.96
N ARG G 2 -17.47 16.18 -30.24
CA ARG G 2 -17.01 17.05 -31.30
C ARG G 2 -15.78 17.84 -30.88
N LYS G 3 -15.34 17.60 -29.65
CA LYS G 3 -14.16 18.28 -29.10
C LYS G 3 -13.34 17.27 -28.31
N VAL G 4 -12.07 17.12 -28.68
CA VAL G 4 -11.15 16.22 -28.02
C VAL G 4 -9.89 16.99 -27.64
N LEU G 5 -9.49 16.89 -26.39
CA LEU G 5 -8.31 17.59 -25.88
C LEU G 5 -7.26 16.58 -25.45
N ARG G 6 -6.05 16.71 -26.01
CA ARG G 6 -5.03 15.68 -25.83
C ARG G 6 -3.80 16.16 -25.05
N ASP G 7 -3.15 17.21 -25.52
CA ASP G 7 -1.88 17.65 -24.96
C ASP G 7 -2.06 18.86 -24.05
N ASN G 8 -2.75 18.66 -22.94
CA ASN G 8 -3.02 19.74 -22.01
C ASN G 8 -2.17 19.67 -20.74
N ILE G 9 -1.56 18.52 -20.45
CA ILE G 9 -0.68 18.42 -19.29
C ILE G 9 0.52 19.34 -19.44
N GLN G 10 0.89 19.68 -20.66
CA GLN G 10 1.97 20.63 -20.91
C GLN G 10 1.54 22.07 -20.74
N GLY G 11 0.25 22.32 -20.45
CA GLY G 11 -0.18 23.67 -20.16
C GLY G 11 0.44 24.24 -18.90
N ILE G 12 0.76 23.38 -17.94
CA ILE G 12 1.50 23.80 -16.75
C ILE G 12 2.96 23.91 -17.15
N THR G 13 3.38 25.13 -17.48
CA THR G 13 4.70 25.37 -18.05
C THR G 13 5.78 25.33 -16.97
N LYS G 14 7.01 25.31 -17.44
CA LYS G 14 8.19 25.31 -16.57
C LYS G 14 8.22 26.55 -15.66
N PRO G 15 7.97 27.76 -16.16
CA PRO G 15 7.93 28.91 -15.25
C PRO G 15 6.89 28.80 -14.14
N ALA G 16 5.72 28.20 -14.41
CA ALA G 16 4.73 28.02 -13.37
C ALA G 16 5.23 27.08 -12.29
N ILE G 17 5.87 25.97 -12.69
CA ILE G 17 6.41 25.04 -11.71
C ILE G 17 7.50 25.70 -10.89
N ARG G 18 8.36 26.50 -11.54
CA ARG G 18 9.39 27.21 -10.79
C ARG G 18 8.81 28.22 -9.83
N ARG G 19 7.73 28.91 -10.23
CA ARG G 19 7.07 29.82 -9.29
C ARG G 19 6.51 29.09 -8.09
N LEU G 20 5.85 27.96 -8.32
CA LEU G 20 5.30 27.17 -7.23
C LEU G 20 6.40 26.66 -6.31
N ALA G 21 7.54 26.24 -6.87
CA ALA G 21 8.66 25.82 -6.04
C ALA G 21 9.29 26.97 -5.28
N ARG G 22 9.31 28.17 -5.87
CA ARG G 22 9.84 29.33 -5.16
C ARG G 22 8.95 29.70 -3.98
N ARG G 23 7.64 29.58 -4.12
CA ARG G 23 6.78 29.79 -2.95
C ARG G 23 7.04 28.73 -1.89
N GLY G 24 7.42 27.52 -2.29
CA GLY G 24 7.74 26.49 -1.31
C GLY G 24 9.06 26.73 -0.60
N GLY G 25 9.95 27.52 -1.19
CA GLY G 25 11.20 27.85 -0.54
C GLY G 25 12.41 27.20 -1.20
N VAL G 26 12.25 26.72 -2.43
CA VAL G 26 13.33 26.05 -3.13
C VAL G 26 14.20 27.09 -3.80
N LYS G 27 15.52 26.97 -3.63
CA LYS G 27 16.46 27.94 -4.16
C LYS G 27 16.97 27.58 -5.55
N ARG G 28 17.33 26.33 -5.79
CA ARG G 28 17.91 25.92 -7.05
C ARG G 28 17.28 24.60 -7.46
N ILE G 29 16.89 24.52 -8.74
CA ILE G 29 15.97 23.49 -9.22
C ILE G 29 16.63 22.70 -10.33
N SER G 30 16.57 21.37 -10.22
CA SER G 30 17.11 20.52 -11.28
C SER G 30 16.20 20.54 -12.50
N GLY G 31 16.73 20.07 -13.62
CA GLY G 31 16.02 20.13 -14.88
C GLY G 31 15.06 18.99 -15.15
N LEU G 32 15.02 17.98 -14.28
CA LEU G 32 14.18 16.82 -14.51
C LEU G 32 12.93 16.79 -13.64
N ILE G 33 12.74 17.78 -12.75
CA ILE G 33 11.61 17.73 -11.84
C ILE G 33 10.31 18.22 -12.47
N TYR G 34 10.37 18.81 -13.67
CA TYR G 34 9.14 19.31 -14.29
C TYR G 34 8.24 18.16 -14.70
N GLU G 35 8.80 17.10 -15.30
CA GLU G 35 8.00 15.95 -15.66
C GLU G 35 7.44 15.25 -14.43
N GLU G 36 8.24 15.12 -13.38
CA GLU G 36 7.76 14.51 -12.14
C GLU G 36 6.62 15.31 -11.54
N THR G 37 6.75 16.64 -11.53
CA THR G 37 5.70 17.50 -11.01
C THR G 37 4.43 17.36 -11.83
N ARG G 38 4.55 17.32 -13.16
CA ARG G 38 3.36 17.14 -13.99
C ARG G 38 2.70 15.79 -13.72
N GLY G 39 3.49 14.73 -13.56
CA GLY G 39 2.90 13.43 -13.26
C GLY G 39 2.16 13.40 -11.93
N VAL G 40 2.78 13.96 -10.88
CA VAL G 40 2.11 13.94 -9.58
C VAL G 40 0.88 14.83 -9.58
N LEU G 41 0.93 15.97 -10.27
CA LEU G 41 -0.25 16.81 -10.39
C LEU G 41 -1.37 16.09 -11.12
N LYS G 42 -1.06 15.38 -12.19
CA LYS G 42 -2.09 14.63 -12.90
C LYS G 42 -2.70 13.54 -12.03
N VAL G 43 -1.87 12.83 -11.27
CA VAL G 43 -2.40 11.80 -10.39
C VAL G 43 -3.34 12.40 -9.35
N PHE G 44 -2.93 13.50 -8.72
CA PHE G 44 -3.79 14.12 -7.70
C PHE G 44 -5.09 14.64 -8.30
N LEU G 45 -5.00 15.27 -9.47
CA LEU G 45 -6.20 15.81 -10.11
C LEU G 45 -7.17 14.70 -10.49
N GLU G 46 -6.69 13.61 -11.06
CA GLU G 46 -7.61 12.54 -11.40
C GLU G 46 -8.19 11.86 -10.17
N ASN G 47 -7.42 11.73 -9.09
CA ASN G 47 -7.96 11.16 -7.86
C ASN G 47 -9.11 12.02 -7.32
N VAL G 48 -8.95 13.35 -7.34
CA VAL G 48 -10.01 14.21 -6.83
C VAL G 48 -11.21 14.22 -7.77
N ILE G 49 -10.95 14.31 -9.08
CA ILE G 49 -12.03 14.47 -10.05
C ILE G 49 -12.87 13.21 -10.15
N ARG G 50 -12.28 12.03 -9.94
CA ARG G 50 -13.10 10.81 -9.93
C ARG G 50 -14.21 10.89 -8.90
N ASP G 51 -13.85 11.24 -7.65
CA ASP G 51 -14.85 11.39 -6.60
C ASP G 51 -15.81 12.53 -6.88
N ALA G 52 -15.32 13.64 -7.42
CA ALA G 52 -16.21 14.76 -7.73
C ALA G 52 -17.28 14.36 -8.74
N VAL G 53 -16.87 13.70 -9.83
CA VAL G 53 -17.83 13.28 -10.85
C VAL G 53 -18.75 12.21 -10.31
N THR G 54 -18.26 11.32 -9.44
CA THR G 54 -19.16 10.35 -8.82
C THR G 54 -20.23 11.04 -8.00
N TYR G 55 -19.84 12.06 -7.23
CA TYR G 55 -20.80 12.82 -6.45
C TYR G 55 -21.83 13.51 -7.33
N THR G 56 -21.39 14.09 -8.46
CA THR G 56 -22.35 14.73 -9.36
C THR G 56 -23.31 13.71 -9.97
N GLU G 57 -22.79 12.57 -10.42
CA GLU G 57 -23.65 11.61 -11.11
C GLU G 57 -24.58 10.88 -10.16
N HIS G 58 -24.26 10.84 -8.86
CA HIS G 58 -25.23 10.26 -7.92
C HIS G 58 -26.48 11.11 -7.82
N ALA G 59 -26.37 12.42 -8.00
CA ALA G 59 -27.50 13.33 -7.92
C ALA G 59 -28.23 13.51 -9.24
N LYS G 60 -27.86 12.72 -10.26
CA LYS G 60 -28.47 12.77 -11.59
C LYS G 60 -28.28 14.13 -12.25
N ARG G 61 -27.21 14.84 -11.91
CA ARG G 61 -26.90 16.12 -12.52
C ARG G 61 -25.89 15.93 -13.65
N LYS G 62 -25.66 17.01 -14.42
CA LYS G 62 -24.66 17.01 -15.47
C LYS G 62 -23.65 18.13 -15.30
N THR G 63 -23.72 18.88 -14.20
CA THR G 63 -22.81 19.99 -13.94
C THR G 63 -22.06 19.72 -12.65
N VAL G 64 -20.74 19.82 -12.69
CA VAL G 64 -19.91 19.60 -11.51
C VAL G 64 -19.89 20.88 -10.69
N THR G 65 -20.62 20.89 -9.59
CA THR G 65 -20.67 22.06 -8.73
C THR G 65 -19.43 22.14 -7.85
N ALA G 66 -19.18 23.32 -7.29
CA ALA G 66 -18.04 23.51 -6.41
C ALA G 66 -18.20 22.72 -5.12
N MET G 67 -19.44 22.54 -4.67
CA MET G 67 -19.68 21.81 -3.44
C MET G 67 -19.31 20.33 -3.58
N ASP G 68 -19.50 19.77 -4.77
CA ASP G 68 -19.04 18.40 -5.02
C ASP G 68 -17.53 18.30 -4.90
N VAL G 69 -16.81 19.29 -5.43
CA VAL G 69 -15.35 19.32 -5.27
C VAL G 69 -14.97 19.44 -3.81
N VAL G 70 -15.72 20.25 -3.06
CA VAL G 70 -15.43 20.41 -1.63
C VAL G 70 -15.61 19.09 -0.90
N TYR G 71 -16.69 18.36 -1.19
CA TYR G 71 -16.89 17.05 -0.56
C TYR G 71 -15.80 16.07 -0.96
N ALA G 72 -15.44 16.06 -2.24
CA ALA G 72 -14.40 15.13 -2.70
C ALA G 72 -13.07 15.41 -2.02
N LEU G 73 -12.74 16.69 -1.81
CA LEU G 73 -11.52 17.02 -1.09
C LEU G 73 -11.60 16.68 0.38
N LYS G 74 -12.75 16.93 1.02
CA LYS G 74 -12.92 16.57 2.42
C LYS G 74 -12.80 15.07 2.62
N ARG G 75 -13.18 14.30 1.60
CA ARG G 75 -13.10 12.84 1.69
C ARG G 75 -11.68 12.36 1.87
N GLN G 76 -10.73 12.94 1.13
CA GLN G 76 -9.35 12.52 1.18
C GLN G 76 -8.56 13.16 2.31
N GLY G 77 -9.25 13.67 3.33
CA GLY G 77 -8.58 14.34 4.42
C GLY G 77 -7.91 15.64 4.04
N ARG G 78 -8.53 16.41 3.13
CA ARG G 78 -8.02 17.71 2.73
C ARG G 78 -9.19 18.70 2.72
N THR G 79 -9.47 19.28 3.87
CA THR G 79 -10.56 20.23 3.98
C THR G 79 -10.20 21.54 3.29
N LEU G 80 -11.20 22.17 2.68
CA LEU G 80 -10.99 23.41 1.93
C LEU G 80 -12.02 24.43 2.39
N TYR G 81 -11.55 25.50 3.02
CA TYR G 81 -12.42 26.59 3.46
C TYR G 81 -12.52 27.66 2.37
N GLY G 82 -13.63 28.38 2.39
CA GLY G 82 -13.82 29.51 1.49
C GLY G 82 -14.67 29.25 0.27
N PHE G 83 -15.26 28.06 0.12
CA PHE G 83 -16.12 27.76 -1.02
C PHE G 83 -17.48 27.25 -0.57
N GLY G 84 -17.87 27.50 0.67
CA GLY G 84 -19.17 27.08 1.16
C GLY G 84 -19.20 25.62 1.58
N GLY G 85 -19.95 25.32 2.63
CA GLY G 85 -20.07 23.96 3.11
C GLY G 85 -19.19 23.66 4.31
N ARG H 11 -48.53 -20.63 8.90
CA ARG H 11 -48.71 -19.45 8.07
C ARG H 11 -48.10 -19.64 6.68
N ALA H 12 -46.78 -19.71 6.63
CA ALA H 12 -46.06 -19.90 5.37
C ALA H 12 -44.79 -20.70 5.66
N LYS H 13 -43.96 -20.85 4.62
CA LYS H 13 -42.73 -21.61 4.78
C LYS H 13 -41.68 -20.84 5.56
N ALA H 14 -41.73 -19.50 5.52
CA ALA H 14 -40.83 -18.63 6.27
C ALA H 14 -39.37 -18.86 5.90
N LYS H 15 -39.02 -18.60 4.64
CA LYS H 15 -37.64 -18.68 4.18
C LYS H 15 -36.89 -17.41 4.55
N THR H 16 -35.63 -17.56 4.94
CA THR H 16 -34.82 -16.40 5.30
C THR H 16 -34.50 -15.57 4.07
N ARG H 17 -34.33 -14.27 4.28
CA ARG H 17 -34.01 -13.36 3.18
C ARG H 17 -32.65 -13.65 2.57
N SER H 18 -31.68 -14.10 3.37
CA SER H 18 -30.37 -14.45 2.83
C SER H 18 -30.47 -15.60 1.85
N SER H 19 -31.27 -16.61 2.18
CA SER H 19 -31.47 -17.73 1.27
C SER H 19 -32.19 -17.29 0.00
N ARG H 20 -33.17 -16.40 0.12
CA ARG H 20 -33.87 -15.89 -1.04
C ARG H 20 -32.95 -15.10 -1.96
N ALA H 21 -32.02 -14.34 -1.38
CA ALA H 21 -31.05 -13.60 -2.18
C ALA H 21 -29.85 -14.43 -2.61
N GLY H 22 -29.78 -15.70 -2.19
CA GLY H 22 -28.66 -16.55 -2.53
C GLY H 22 -27.35 -16.10 -1.92
N LEU H 23 -27.38 -15.74 -0.64
CA LEU H 23 -26.22 -15.23 0.08
C LEU H 23 -25.93 -16.13 1.28
N GLN H 24 -24.81 -15.84 1.95
CA GLN H 24 -24.45 -16.49 3.20
C GLN H 24 -24.48 -15.56 4.40
N PHE H 25 -24.18 -14.28 4.21
CA PHE H 25 -24.27 -13.33 5.30
C PHE H 25 -25.72 -12.99 5.60
N PRO H 26 -26.04 -12.68 6.86
CA PRO H 26 -27.43 -12.40 7.22
C PRO H 26 -27.91 -11.09 6.64
N VAL H 27 -29.14 -11.07 6.13
CA VAL H 27 -29.71 -9.84 5.61
C VAL H 27 -30.53 -9.15 6.70
N GLY H 28 -31.27 -9.91 7.50
CA GLY H 28 -32.06 -9.32 8.57
C GLY H 28 -31.20 -8.64 9.63
N ARG H 29 -30.07 -9.25 9.99
CA ARG H 29 -29.19 -8.63 10.96
C ARG H 29 -28.62 -7.32 10.43
N VAL H 30 -28.24 -7.29 9.15
CA VAL H 30 -27.75 -6.06 8.56
C VAL H 30 -28.84 -4.99 8.51
N HIS H 31 -30.07 -5.40 8.20
CA HIS H 31 -31.19 -4.46 8.21
C HIS H 31 -31.40 -3.86 9.60
N ARG H 32 -31.36 -4.70 10.63
CA ARG H 32 -31.54 -4.21 11.99
C ARG H 32 -30.42 -3.28 12.41
N LEU H 33 -29.18 -3.62 12.07
CA LEU H 33 -28.06 -2.74 12.38
C LEU H 33 -28.16 -1.42 11.64
N LEU H 34 -28.62 -1.43 10.39
CA LEU H 34 -28.80 -0.19 9.64
C LEU H 34 -29.89 0.68 10.25
N ARG H 35 -31.00 0.07 10.69
CA ARG H 35 -32.09 0.84 11.27
C ARG H 35 -31.83 1.27 12.70
N LYS H 36 -30.89 0.65 13.41
CA LYS H 36 -30.58 1.00 14.78
C LYS H 36 -29.21 1.63 14.94
N GLY H 37 -28.65 2.18 13.86
CA GLY H 37 -27.34 2.78 13.91
C GLY H 37 -27.36 4.29 13.75
N ASN H 38 -28.55 4.87 13.67
CA ASN H 38 -28.73 6.31 13.52
C ASN H 38 -28.06 6.84 12.24
N TYR H 39 -28.31 6.17 11.13
CA TYR H 39 -27.77 6.59 9.84
C TYR H 39 -28.74 7.45 9.05
N SER H 40 -30.04 7.14 9.12
CA SER H 40 -31.05 7.90 8.43
C SER H 40 -32.40 7.63 9.08
N GLU H 41 -33.42 8.39 8.67
CA GLU H 41 -34.75 8.21 9.23
C GLU H 41 -35.34 6.87 8.83
N ARG H 42 -35.22 6.50 7.56
CA ARG H 42 -35.74 5.24 7.06
C ARG H 42 -34.75 4.65 6.06
N VAL H 43 -34.86 3.34 5.85
CA VAL H 43 -33.99 2.63 4.93
C VAL H 43 -34.85 1.85 3.95
N GLY H 44 -34.28 1.58 2.78
CA GLY H 44 -34.97 0.86 1.73
C GLY H 44 -35.00 -0.64 1.98
N ALA H 45 -35.62 -1.33 1.02
CA ALA H 45 -35.75 -2.79 1.12
C ALA H 45 -34.57 -3.53 0.51
N GLY H 46 -33.89 -2.93 -0.47
CA GLY H 46 -32.78 -3.59 -1.12
C GLY H 46 -31.40 -3.24 -0.59
N ALA H 47 -31.30 -2.23 0.26
CA ALA H 47 -30.03 -1.81 0.82
C ALA H 47 -29.36 -2.92 1.65
N PRO H 48 -30.08 -3.59 2.55
CA PRO H 48 -29.43 -4.69 3.30
C PRO H 48 -28.89 -5.78 2.41
N VAL H 49 -29.60 -6.14 1.34
CA VAL H 49 -29.12 -7.19 0.44
C VAL H 49 -27.84 -6.76 -0.24
N TYR H 50 -27.80 -5.53 -0.76
CA TYR H 50 -26.61 -5.04 -1.44
C TYR H 50 -25.42 -4.99 -0.50
N LEU H 51 -25.63 -4.47 0.71
CA LEU H 51 -24.53 -4.34 1.67
C LEU H 51 -24.03 -5.70 2.13
N ALA H 52 -24.95 -6.65 2.38
CA ALA H 52 -24.53 -8.00 2.74
C ALA H 52 -23.75 -8.67 1.62
N ALA H 53 -24.17 -8.49 0.37
CA ALA H 53 -23.42 -9.05 -0.75
C ALA H 53 -22.03 -8.46 -0.84
N VAL H 54 -21.89 -7.14 -0.66
CA VAL H 54 -20.57 -6.51 -0.71
C VAL H 54 -19.69 -7.05 0.41
N LEU H 55 -20.23 -7.14 1.62
CA LEU H 55 -19.45 -7.65 2.75
C LEU H 55 -19.01 -9.10 2.51
N GLU H 56 -19.90 -9.93 1.98
CA GLU H 56 -19.55 -11.31 1.69
C GLU H 56 -18.46 -11.39 0.63
N TYR H 57 -18.55 -10.58 -0.42
CA TYR H 57 -17.51 -10.60 -1.44
C TYR H 57 -16.15 -10.20 -0.89
N LEU H 58 -16.10 -9.14 -0.08
CA LEU H 58 -14.84 -8.73 0.51
C LEU H 58 -14.27 -9.82 1.43
N THR H 59 -15.14 -10.41 2.25
CA THR H 59 -14.70 -11.49 3.13
C THR H 59 -14.11 -12.64 2.33
N ALA H 60 -14.79 -13.04 1.25
CA ALA H 60 -14.29 -14.15 0.43
C ALA H 60 -12.96 -13.81 -0.21
N GLU H 61 -12.79 -12.60 -0.73
CA GLU H 61 -11.49 -12.21 -1.29
C GLU H 61 -10.38 -12.35 -0.25
N ILE H 62 -10.56 -11.71 0.91
CA ILE H 62 -9.50 -11.72 1.92
C ILE H 62 -9.21 -13.14 2.38
N LEU H 63 -10.25 -13.92 2.60
CA LEU H 63 -10.10 -15.24 3.20
C LEU H 63 -9.64 -16.29 2.21
N GLU H 64 -9.82 -16.07 0.90
CA GLU H 64 -9.17 -16.93 -0.08
C GLU H 64 -7.69 -16.62 -0.20
N LEU H 65 -7.34 -15.33 -0.21
CA LEU H 65 -5.91 -15.02 -0.25
C LEU H 65 -5.20 -15.54 1.00
N ALA H 66 -5.84 -15.42 2.16
CA ALA H 66 -5.25 -15.95 3.39
C ALA H 66 -5.11 -17.46 3.33
N GLY H 67 -6.10 -18.15 2.78
CA GLY H 67 -6.00 -19.59 2.63
C GLY H 67 -4.89 -20.01 1.70
N ASN H 68 -4.70 -19.30 0.59
CA ASN H 68 -3.59 -19.59 -0.31
C ASN H 68 -2.26 -19.38 0.39
N ALA H 69 -2.11 -18.28 1.13
CA ALA H 69 -0.88 -18.05 1.88
C ALA H 69 -0.64 -19.11 2.94
N ALA H 70 -1.71 -19.60 3.58
CA ALA H 70 -1.56 -20.66 4.58
C ALA H 70 -1.14 -21.97 3.95
N ARG H 71 -1.72 -22.32 2.79
CA ARG H 71 -1.32 -23.55 2.11
C ARG H 71 0.12 -23.45 1.62
N ASP H 72 0.56 -22.25 1.26
CA ASP H 72 1.93 -22.05 0.79
C ASP H 72 2.96 -22.38 1.87
N ASN H 73 2.57 -22.41 3.14
CA ASN H 73 3.51 -22.66 4.23
C ASN H 73 3.28 -24.01 4.91
N LYS H 74 2.73 -24.99 4.18
CA LYS H 74 2.51 -26.33 4.70
C LYS H 74 1.65 -26.33 5.95
N LYS H 75 0.64 -25.46 5.98
CA LYS H 75 -0.27 -25.35 7.10
C LYS H 75 -1.70 -25.47 6.63
N THR H 76 -2.57 -25.98 7.51
CA THR H 76 -3.98 -26.18 7.20
C THR H 76 -4.87 -25.30 8.08
N ARG H 77 -4.29 -24.28 8.70
CA ARG H 77 -5.04 -23.32 9.49
C ARG H 77 -4.67 -21.91 9.07
N ILE H 78 -5.63 -21.00 9.20
CA ILE H 78 -5.39 -19.59 8.93
C ILE H 78 -5.17 -18.88 10.25
N ILE H 79 -3.99 -18.31 10.42
CA ILE H 79 -3.61 -17.57 11.62
C ILE H 79 -3.44 -16.11 11.23
N PRO H 80 -3.35 -15.17 12.18
CA PRO H 80 -3.23 -13.75 11.81
C PRO H 80 -2.06 -13.45 10.89
N ARG H 81 -0.97 -14.22 10.97
CA ARG H 81 0.16 -13.99 10.09
C ARG H 81 -0.23 -14.17 8.63
N HIS H 82 -1.03 -15.19 8.33
CA HIS H 82 -1.47 -15.40 6.96
C HIS H 82 -2.41 -14.29 6.50
N LEU H 83 -3.29 -13.81 7.38
CA LEU H 83 -4.15 -12.69 7.04
C LEU H 83 -3.32 -11.45 6.69
N GLN H 84 -2.30 -11.16 7.51
CA GLN H 84 -1.44 -10.02 7.23
C GLN H 84 -0.70 -10.19 5.91
N LEU H 85 -0.17 -11.38 5.65
CA LEU H 85 0.53 -11.62 4.40
C LEU H 85 -0.40 -11.41 3.21
N ALA H 86 -1.61 -11.97 3.28
CA ALA H 86 -2.56 -11.85 2.19
C ALA H 86 -2.94 -10.40 1.95
N ILE H 87 -3.18 -9.63 3.02
CA ILE H 87 -3.54 -8.24 2.86
C ILE H 87 -2.39 -7.44 2.26
N ARG H 88 -1.16 -7.68 2.71
CA ARG H 88 -0.04 -6.85 2.29
C ARG H 88 0.40 -7.17 0.86
N ASN H 89 0.41 -8.44 0.47
CA ASN H 89 0.89 -8.78 -0.87
C ASN H 89 -0.09 -8.33 -1.96
N ASP H 90 -1.33 -8.04 -1.61
CA ASP H 90 -2.29 -7.53 -2.58
C ASP H 90 -2.32 -6.02 -2.56
N GLU H 91 -2.21 -5.41 -3.75
CA GLU H 91 -2.11 -3.96 -3.83
C GLU H 91 -3.42 -3.28 -3.47
N GLU H 92 -4.53 -3.78 -4.01
CA GLU H 92 -5.82 -3.12 -3.80
C GLU H 92 -6.29 -3.27 -2.36
N LEU H 93 -6.17 -4.47 -1.80
CA LEU H 93 -6.55 -4.67 -0.40
C LEU H 93 -5.65 -3.88 0.54
N ASN H 94 -4.34 -3.79 0.24
CA ASN H 94 -3.47 -2.96 1.04
C ASN H 94 -3.83 -1.48 0.94
N LYS H 95 -4.28 -1.04 -0.24
CA LYS H 95 -4.79 0.31 -0.37
C LYS H 95 -6.04 0.54 0.48
N LEU H 96 -6.95 -0.44 0.50
CA LEU H 96 -8.16 -0.32 1.30
C LEU H 96 -7.85 -0.32 2.80
N LEU H 97 -7.03 -1.26 3.24
CA LEU H 97 -6.54 -1.29 4.62
C LEU H 97 -5.18 -0.60 4.72
N GLY H 98 -5.13 0.65 4.26
CA GLY H 98 -3.86 1.35 4.17
C GLY H 98 -3.20 1.54 5.53
N ARG H 99 -3.97 1.96 6.52
CA ARG H 99 -3.46 2.18 7.87
C ARG H 99 -4.35 1.42 8.85
N VAL H 100 -4.06 0.12 8.98
CA VAL H 100 -4.73 -0.78 9.91
C VAL H 100 -3.68 -1.73 10.46
N THR H 101 -3.63 -1.87 11.78
CA THR H 101 -2.67 -2.73 12.45
C THR H 101 -3.35 -4.03 12.83
N ILE H 102 -2.80 -5.15 12.39
CA ILE H 102 -3.34 -6.47 12.70
C ILE H 102 -2.49 -7.09 13.79
N ALA H 103 -3.10 -7.42 14.92
CA ALA H 103 -2.37 -7.99 16.04
C ALA H 103 -1.81 -9.36 15.66
N GLN H 104 -0.59 -9.63 16.13
CA GLN H 104 0.11 -10.88 15.81
C GLN H 104 0.23 -11.08 14.31
N GLY H 105 0.57 -10.02 13.59
CA GLY H 105 0.65 -10.10 12.15
C GLY H 105 2.06 -10.01 11.59
N GLY H 106 2.92 -9.24 12.26
CA GLY H 106 4.27 -9.09 11.77
C GLY H 106 4.35 -8.17 10.56
N VAL H 107 5.47 -8.26 9.85
CA VAL H 107 5.72 -7.42 8.68
C VAL H 107 6.17 -8.28 7.52
N LEU H 108 6.14 -7.73 6.31
CA LEU H 108 6.59 -8.44 5.13
C LEU H 108 8.12 -8.55 5.13
N PRO H 109 8.67 -9.68 4.70
CA PRO H 109 10.13 -9.78 4.57
C PRO H 109 10.64 -8.87 3.46
N ASN H 110 11.44 -7.88 3.84
CA ASN H 110 11.92 -6.89 2.88
C ASN H 110 13.24 -6.33 3.39
N ILE H 111 14.30 -6.50 2.60
CA ILE H 111 15.61 -5.93 2.90
C ILE H 111 16.03 -5.07 1.72
N GLN H 112 16.50 -3.86 2.01
CA GLN H 112 16.91 -2.94 0.96
C GLN H 112 18.11 -3.49 0.19
N ALA H 113 18.17 -3.14 -1.09
CA ALA H 113 19.22 -3.69 -1.95
C ALA H 113 20.61 -3.17 -1.57
N VAL H 114 20.69 -1.96 -1.00
CA VAL H 114 21.98 -1.40 -0.62
C VAL H 114 22.61 -2.21 0.50
N LEU H 115 21.80 -2.73 1.42
CA LEU H 115 22.32 -3.44 2.58
C LEU H 115 22.94 -4.79 2.23
N LEU H 116 22.64 -5.34 1.06
CA LEU H 116 23.24 -6.61 0.66
C LEU H 116 24.73 -6.42 0.36
N PRO H 117 25.56 -7.40 0.72
CA PRO H 117 27.02 -7.25 0.53
C PRO H 117 27.42 -7.23 -0.94
N LYS H 118 27.06 -8.28 -1.67
CA LYS H 118 27.34 -8.42 -3.09
C LYS H 118 28.84 -8.31 -3.41
N LYS H 119 29.15 -8.18 -4.70
CA LYS H 119 30.52 -8.04 -5.20
C LYS H 119 31.37 -9.28 -4.94
N THR H 120 30.83 -10.26 -4.23
CA THR H 120 31.58 -11.49 -3.95
C THR H 120 31.22 -12.55 -4.97
N GLU H 121 31.55 -12.29 -6.24
CA GLU H 121 31.23 -13.23 -7.31
C GLU H 121 32.15 -12.94 -8.48
N SER H 122 32.60 -13.99 -9.16
CA SER H 122 33.45 -13.81 -10.33
C SER H 122 32.67 -13.15 -11.45
N HIS H 123 33.31 -12.19 -12.12
CA HIS H 123 32.67 -11.47 -13.21
C HIS H 123 32.87 -12.13 -14.57
N HIS H 124 33.58 -13.25 -14.63
CA HIS H 124 33.86 -13.97 -15.87
C HIS H 124 34.58 -13.07 -16.87
N LYS H 125 35.77 -12.62 -16.48
CA LYS H 125 36.61 -11.77 -17.31
C LYS H 125 37.94 -12.44 -17.63
N ALA H 126 37.91 -13.73 -17.93
CA ALA H 126 39.10 -14.52 -18.28
C ALA H 126 40.11 -14.58 -17.14
N LYS H 127 39.65 -14.29 -15.92
CA LYS H 127 40.47 -14.38 -14.71
C LYS H 127 41.75 -13.55 -14.84
N GLY H 128 41.62 -12.38 -15.46
CA GLY H 128 42.74 -11.48 -15.63
C GLY H 128 43.87 -12.06 -16.47
N ARG I 31 -25.22 -15.58 30.11
CA ARG I 31 -26.60 -15.12 30.29
C ARG I 31 -27.06 -14.31 29.09
N SER I 32 -26.24 -13.35 28.67
CA SER I 32 -26.55 -12.49 27.55
C SER I 32 -25.89 -13.00 26.28
N ARG I 33 -26.54 -12.77 25.14
CA ARG I 33 -26.05 -13.25 23.85
C ARG I 33 -25.27 -12.14 23.16
N LYS I 34 -24.09 -12.48 22.65
CA LYS I 34 -23.21 -11.55 21.96
C LYS I 34 -23.08 -12.01 20.52
N GLU I 35 -23.77 -11.34 19.60
CA GLU I 35 -23.77 -11.73 18.20
C GLU I 35 -22.43 -11.38 17.55
N SER I 36 -22.07 -12.17 16.53
CA SER I 36 -20.84 -11.95 15.79
C SER I 36 -20.96 -12.64 14.44
N TYR I 37 -20.09 -12.25 13.51
CA TYR I 37 -20.02 -12.87 12.19
C TYR I 37 -19.00 -14.00 12.18
N SER I 38 -19.27 -15.03 12.98
CA SER I 38 -18.36 -16.17 13.02
C SER I 38 -18.84 -17.30 12.11
N ILE I 39 -20.08 -17.74 12.31
CA ILE I 39 -20.60 -18.84 11.52
C ILE I 39 -20.68 -18.46 10.04
N TYR I 40 -20.99 -17.20 9.74
CA TYR I 40 -21.12 -16.77 8.36
C TYR I 40 -19.78 -16.77 7.63
N VAL I 41 -18.74 -16.19 8.24
CA VAL I 41 -17.42 -16.21 7.60
C VAL I 41 -16.84 -17.62 7.56
N TYR I 42 -17.19 -18.48 8.52
CA TYR I 42 -16.74 -19.85 8.44
C TYR I 42 -17.44 -20.60 7.30
N LYS I 43 -18.72 -20.28 7.07
CA LYS I 43 -19.42 -20.82 5.90
C LYS I 43 -18.74 -20.36 4.61
N VAL I 44 -18.37 -19.09 4.53
CA VAL I 44 -17.68 -18.59 3.35
C VAL I 44 -16.33 -19.30 3.18
N LEU I 45 -15.61 -19.51 4.28
CA LEU I 45 -14.33 -20.21 4.21
C LEU I 45 -14.49 -21.61 3.67
N LYS I 46 -15.45 -22.36 4.19
CA LYS I 46 -15.67 -23.70 3.68
C LYS I 46 -16.22 -23.70 2.26
N GLN I 47 -16.81 -22.60 1.80
CA GLN I 47 -17.25 -22.49 0.41
C GLN I 47 -16.09 -22.22 -0.53
N VAL I 48 -15.09 -21.45 -0.10
CA VAL I 48 -13.96 -21.11 -0.96
C VAL I 48 -12.76 -22.03 -0.74
N HIS I 49 -12.62 -22.63 0.43
CA HIS I 49 -11.54 -23.56 0.72
C HIS I 49 -12.11 -24.69 1.57
N PRO I 50 -12.51 -25.79 0.94
CA PRO I 50 -13.31 -26.81 1.66
C PRO I 50 -12.54 -27.62 2.67
N ASP I 51 -11.23 -27.40 2.79
CA ASP I 51 -10.41 -28.22 3.67
C ASP I 51 -9.48 -27.40 4.55
N THR I 52 -9.66 -26.09 4.57
CA THR I 52 -8.83 -25.21 5.37
C THR I 52 -9.63 -24.67 6.55
N GLY I 53 -9.06 -24.79 7.75
CA GLY I 53 -9.67 -24.27 8.95
C GLY I 53 -9.22 -22.85 9.24
N ILE I 54 -9.62 -22.37 10.42
CA ILE I 54 -9.25 -21.02 10.86
C ILE I 54 -9.22 -21.01 12.38
N SER I 55 -8.23 -20.31 12.94
CA SER I 55 -8.09 -20.23 14.38
C SER I 55 -9.05 -19.19 14.95
N SER I 56 -9.03 -19.07 16.28
CA SER I 56 -9.91 -18.13 16.95
C SER I 56 -9.44 -16.68 16.79
N LYS I 57 -8.13 -16.44 16.83
CA LYS I 57 -7.62 -15.09 16.66
C LYS I 57 -7.92 -14.55 15.26
N ALA I 58 -7.72 -15.38 14.24
CA ALA I 58 -8.08 -14.97 12.89
C ALA I 58 -9.57 -14.78 12.74
N MET I 59 -10.36 -15.60 13.44
CA MET I 59 -11.81 -15.42 13.45
C MET I 59 -12.19 -14.06 14.01
N GLY I 60 -11.58 -13.66 15.13
CA GLY I 60 -11.84 -12.36 15.69
C GLY I 60 -11.39 -11.23 14.79
N ILE I 61 -10.24 -11.39 14.14
CA ILE I 61 -9.76 -10.35 13.23
C ILE I 61 -10.71 -10.17 12.06
N MET I 62 -11.19 -11.28 11.49
CA MET I 62 -12.16 -11.18 10.40
C MET I 62 -13.47 -10.57 10.88
N ASN I 63 -13.91 -10.91 12.10
CA ASN I 63 -15.12 -10.33 12.64
C ASN I 63 -14.99 -8.83 12.83
N SER I 64 -13.81 -8.37 13.23
CA SER I 64 -13.56 -6.93 13.33
C SER I 64 -13.52 -6.27 11.96
N PHE I 65 -12.92 -6.93 10.97
CA PHE I 65 -12.87 -6.37 9.62
C PHE I 65 -14.27 -6.18 9.04
N VAL I 66 -15.15 -7.16 9.28
CA VAL I 66 -16.48 -7.12 8.69
C VAL I 66 -17.25 -5.90 9.20
N ASN I 67 -17.29 -5.71 10.52
CA ASN I 67 -18.04 -4.60 11.08
C ASN I 67 -17.26 -3.29 11.10
N ASP I 68 -16.00 -3.30 10.67
CA ASP I 68 -15.35 -2.06 10.28
C ASP I 68 -15.84 -1.58 8.92
N ILE I 69 -15.81 -2.47 7.93
CA ILE I 69 -16.27 -2.11 6.59
C ILE I 69 -17.75 -1.76 6.60
N PHE I 70 -18.53 -2.48 7.42
CA PHE I 70 -19.96 -2.20 7.52
C PHE I 70 -20.21 -0.76 7.91
N GLU I 71 -19.61 -0.31 9.01
CA GLU I 71 -19.82 1.06 9.47
C GLU I 71 -19.20 2.09 8.55
N ARG I 72 -18.07 1.76 7.89
CA ARG I 72 -17.50 2.70 6.93
C ARG I 72 -18.48 2.96 5.78
N ILE I 73 -18.99 1.88 5.17
CA ILE I 73 -19.93 2.03 4.07
C ILE I 73 -21.21 2.71 4.52
N ALA I 74 -21.72 2.35 5.71
CA ALA I 74 -22.95 2.95 6.20
C ALA I 74 -22.79 4.43 6.47
N GLY I 75 -21.66 4.85 7.05
CA GLY I 75 -21.44 6.27 7.25
C GLY I 75 -21.32 7.03 5.95
N GLU I 76 -20.62 6.45 4.96
CA GLU I 76 -20.55 7.10 3.67
C GLU I 76 -21.94 7.26 3.04
N ALA I 77 -22.76 6.21 3.14
CA ALA I 77 -24.12 6.29 2.60
C ALA I 77 -24.96 7.32 3.34
N SER I 78 -24.83 7.42 4.65
CA SER I 78 -25.60 8.42 5.40
C SER I 78 -25.20 9.83 5.00
N ARG I 79 -23.89 10.08 4.85
CA ARG I 79 -23.46 11.39 4.38
C ARG I 79 -23.99 11.67 2.98
N LEU I 80 -23.93 10.68 2.10
CA LEU I 80 -24.41 10.84 0.73
C LEU I 80 -25.90 11.12 0.67
N ALA I 81 -26.69 10.53 1.56
CA ALA I 81 -28.12 10.80 1.62
C ALA I 81 -28.41 12.18 2.21
N HIS I 82 -27.69 12.58 3.25
CA HIS I 82 -27.88 13.92 3.79
C HIS I 82 -27.47 15.00 2.80
N TYR I 83 -26.51 14.70 1.93
CA TYR I 83 -26.03 15.67 0.95
C TYR I 83 -27.08 16.02 -0.10
N ASN I 84 -28.13 15.22 -0.25
CA ASN I 84 -29.14 15.44 -1.27
C ASN I 84 -30.53 15.68 -0.69
N LYS I 85 -30.62 16.04 0.59
CA LYS I 85 -31.89 16.31 1.26
C LYS I 85 -32.86 15.13 1.09
N ARG I 86 -32.37 13.94 1.45
CA ARG I 86 -33.17 12.73 1.41
C ARG I 86 -33.01 11.98 2.71
N SER I 87 -34.01 11.17 3.04
CA SER I 87 -34.04 10.47 4.32
C SER I 87 -34.13 8.95 4.15
N THR I 88 -33.79 8.43 2.98
CA THR I 88 -33.87 7.01 2.72
C THR I 88 -32.54 6.50 2.18
N ILE I 89 -32.04 5.41 2.77
CA ILE I 89 -30.84 4.74 2.28
C ILE I 89 -31.31 3.63 1.35
N THR I 90 -31.34 3.92 0.05
CA THR I 90 -31.74 2.94 -0.95
C THR I 90 -30.52 2.22 -1.49
N SER I 91 -30.72 1.39 -2.52
CA SER I 91 -29.60 0.67 -3.11
C SER I 91 -28.61 1.59 -3.79
N ARG I 92 -29.09 2.72 -4.34
CA ARG I 92 -28.20 3.63 -5.05
C ARG I 92 -27.16 4.24 -4.14
N GLU I 93 -27.56 4.63 -2.92
CA GLU I 93 -26.59 5.19 -1.98
C GLU I 93 -25.53 4.15 -1.60
N ILE I 94 -25.93 2.90 -1.37
CA ILE I 94 -24.96 1.87 -1.04
C ILE I 94 -24.01 1.62 -2.20
N GLN I 95 -24.55 1.57 -3.42
CA GLN I 95 -23.69 1.37 -4.59
C GLN I 95 -22.68 2.50 -4.75
N THR I 96 -23.14 3.74 -4.63
CA THR I 96 -22.23 4.86 -4.75
C THR I 96 -21.21 4.88 -3.62
N ALA I 97 -21.61 4.49 -2.41
CA ALA I 97 -20.67 4.45 -1.30
C ALA I 97 -19.58 3.40 -1.54
N VAL I 98 -19.96 2.20 -1.99
CA VAL I 98 -18.97 1.17 -2.23
C VAL I 98 -18.10 1.47 -3.45
N ARG I 99 -18.59 2.29 -4.38
CA ARG I 99 -17.76 2.72 -5.49
C ARG I 99 -16.89 3.91 -5.13
N LEU I 100 -17.23 4.65 -4.06
CA LEU I 100 -16.38 5.70 -3.53
C LEU I 100 -15.28 5.14 -2.63
N LEU I 101 -15.56 4.10 -1.86
CA LEU I 101 -14.60 3.56 -0.90
C LEU I 101 -13.66 2.53 -1.51
N LEU I 102 -14.20 1.56 -2.23
CA LEU I 102 -13.34 0.50 -2.72
C LEU I 102 -12.58 0.97 -3.97
N PRO I 103 -11.31 0.60 -4.10
CA PRO I 103 -10.52 1.05 -5.26
C PRO I 103 -10.58 0.10 -6.44
N GLY I 104 -10.94 0.61 -7.61
CA GLY I 104 -10.73 -0.11 -8.86
C GLY I 104 -11.47 -1.44 -8.97
N GLU I 105 -10.70 -2.51 -9.17
CA GLU I 105 -11.28 -3.82 -9.45
C GLU I 105 -12.15 -4.30 -8.30
N LEU I 106 -11.75 -4.03 -7.06
CA LEU I 106 -12.59 -4.38 -5.92
C LEU I 106 -13.94 -3.69 -6.01
N ALA I 107 -13.95 -2.40 -6.35
CA ALA I 107 -15.22 -1.68 -6.47
C ALA I 107 -16.07 -2.25 -7.59
N LYS I 108 -15.48 -2.53 -8.75
CA LYS I 108 -16.26 -3.05 -9.86
C LYS I 108 -16.84 -4.43 -9.54
N HIS I 109 -16.05 -5.33 -8.96
CA HIS I 109 -16.56 -6.65 -8.63
C HIS I 109 -17.60 -6.60 -7.52
N ALA I 110 -17.41 -5.73 -6.52
CA ALA I 110 -18.42 -5.59 -5.48
C ALA I 110 -19.72 -5.04 -6.04
N VAL I 111 -19.65 -4.09 -6.97
CA VAL I 111 -20.86 -3.56 -7.60
C VAL I 111 -21.56 -4.68 -8.37
N SER I 112 -20.80 -5.49 -9.10
CA SER I 112 -21.40 -6.59 -9.85
C SER I 112 -22.09 -7.58 -8.91
N GLU I 113 -21.42 -7.95 -7.82
CA GLU I 113 -22.01 -8.89 -6.87
C GLU I 113 -23.27 -8.33 -6.23
N GLY I 114 -23.25 -7.05 -5.82
CA GLY I 114 -24.42 -6.46 -5.22
C GLY I 114 -25.59 -6.36 -6.18
N THR I 115 -25.31 -5.99 -7.44
CA THR I 115 -26.38 -5.96 -8.44
C THR I 115 -26.97 -7.34 -8.67
N LYS I 116 -26.11 -8.36 -8.75
CA LYS I 116 -26.61 -9.72 -8.92
C LYS I 116 -27.51 -10.12 -7.75
N ALA I 117 -27.07 -9.84 -6.53
CA ALA I 117 -27.87 -10.19 -5.36
C ALA I 117 -29.20 -9.46 -5.34
N VAL I 118 -29.21 -8.16 -5.66
CA VAL I 118 -30.45 -7.39 -5.63
C VAL I 118 -31.41 -7.90 -6.71
N THR I 119 -30.91 -8.15 -7.92
CA THR I 119 -31.79 -8.65 -8.97
C THR I 119 -32.36 -10.01 -8.62
N LYS I 120 -31.55 -10.91 -8.06
CA LYS I 120 -32.08 -12.21 -7.65
C LYS I 120 -33.12 -12.07 -6.55
N TYR I 121 -32.87 -11.20 -5.58
CA TYR I 121 -33.82 -11.01 -4.48
C TYR I 121 -35.15 -10.47 -4.99
N THR I 122 -35.11 -9.51 -5.92
CA THR I 122 -36.36 -8.96 -6.45
C THR I 122 -37.08 -9.96 -7.36
N SER I 123 -36.32 -10.70 -8.18
CA SER I 123 -36.95 -11.67 -9.08
C SER I 123 -37.61 -12.81 -8.30
N ALA I 124 -36.97 -13.28 -7.24
CA ALA I 124 -37.55 -14.36 -6.45
C ALA I 124 -38.74 -13.91 -5.61
N LYS I 125 -39.00 -12.61 -5.53
CA LYS I 125 -40.11 -12.06 -4.74
C LYS I 125 -40.08 -12.53 -3.30
#